data_7RMG
#
_entry.id   7RMG
#
_cell.length_a   1.00
_cell.length_b   1.00
_cell.length_c   1.00
_cell.angle_alpha   90.00
_cell.angle_beta   90.00
_cell.angle_gamma   90.00
#
_symmetry.space_group_name_H-M   'P 1'
#
loop_
_entity.id
_entity.type
_entity.pdbx_description
1 polymer 'Guanine nucleotide-binding protein G(s) subunit alpha isoforms short, with certain residues mutated to match Guanine nucleotide-binding protein G(q) subunit'
2 polymer 'Substance-P receptor'
3 polymer 'Substance P'
4 polymer 'Guanine nucleotide-binding protein G(I)/G(S)/G(T) subunit beta-1'
5 polymer 'Guanine nucleotide-binding protein G(I)/G(S)/G(O) subunit gamma-2'
6 polymer 'Nanobody 35'
#
loop_
_entity_poly.entity_id
_entity_poly.type
_entity_poly.pdbx_seq_one_letter_code
_entity_poly.pdbx_strand_id
1 'polypeptide(L)'
;GIEKQLQKDKQVYRATHRLLLLGADNSGKSTIVKQMRILHGGSGGSGGTSGIFETKFQVDKVNFHMFDVGGQRDERRKWI
QCFNDVTAIIFVVDSSDYNRLQEALNDFKSIWNNRWLRTISVILFLNKQDLLAEKVLAGKSKIEDYFPEFARYTTPEDAT
PEPGEDPRVTRAKYFIRDEFLRISTASGDGRHYCYPHFTCAVDTENARRIFNDCKDIILQMNLREYNLV
;
A
2 'polypeptide(L)'
;DYKDDDDASIDMDNVLPVDSDLSPNISTNTSEPNQFVQPAWQIVLWAAAYTVIVVTSVVGNVVVMWIILAHKRMRTVTNY
FLVNLAFAEASMAAFNTVVNFTYAVHNEWYYGLFYCKFHNFFPIAAVFASIYSMTAVAFDRYMAIIHPLQPRLSATATKV
VICVIWVLALLLAFPQGYYSTTETMPSRVVCMIEWPEHPNKIYEKVYHICVTVLIYFLPLLVIGYAYTVVGITLWASEIP
GDSSDRYHEQVSAKRKVVKMMIVVVCTFAICWLPFHIFFLLPYINPDLYLKKFIQQVYLAIMWLAMSSTMYNPIIYCCLN
DRFRLGFKHAFRCCPFISAGDYEGLEMKSTRYLQTQGSVYKVSRLETTISTVVGAHEEEPEDGPKATPSSLDLTSNCSSR
SDSKTMTESFSFSSNVLS
;
R
3 'polypeptide(L)' RPKPQQFFGLM(NH2) S
4 'polypeptide(L)'
;MHHHHHHLEVLFQGPEDQVDPRLIDGKGSSGSELDQLRQEAEQLKNQIRDARKACADATLSQITNNIDPVGRIQMRTRRT
LRGHLAKIYAMHWGTDSRLLVSASQDGKLIIWDSYTTNKVHAIPLRSSWVMTCAYAPSGNYVACGGLDNICSIYNLKTRE
GNVRVSRELAGHTGYLSCCRFLDDNQIVTSSGDTTCALWDIETGQQTTTFTGHTGDVMSLSLAPDTRLFVSGACDASAKL
WDVREGMCRQTFTGHESDINAICFFPNGNAFATGSDDATCRLFDLRADQELMTYSHDNIICGITSVSFSKSGRLLLAGYD
DFNCNVWDALKADRAGVLAGHDNRVSCLGVTDDGMAVATGSWDSFLKIWN
;
B
5 'polypeptide(L)' MASNNTASIAQARKLVEQLKMEANIDRIKVSKAAADLMAYCEAHAKEDPLLTPVPASENPFREKKFFC G
6 'polypeptide(L)'
;QVQLQESGGGLVQPGGSLRLSCAASGFTFSNYKMNWVRQAPGKGLEWVSDISQSGASISYTGSVKGRFTISRDNAKNTLY
LQMNSLKPEDTAVYYCARCPAPFTRDCFDVTSTTYAYRGQGTQVTVSSGSEDQVDPRLIDGK
;
N
#
# COMPACT_ATOMS: atom_id res chain seq x y z
N GLY A 1 1.48 28.43 10.01
CA GLY A 1 1.41 28.14 8.59
C GLY A 1 1.99 26.79 8.22
N ILE A 2 1.95 25.86 9.18
CA ILE A 2 2.45 24.51 8.96
C ILE A 2 1.54 23.75 7.99
N GLU A 3 0.22 23.88 8.16
CA GLU A 3 -0.73 23.06 7.42
C GLU A 3 -0.83 23.50 5.95
N LYS A 4 -0.76 24.80 5.70
CA LYS A 4 -0.86 25.28 4.32
C LYS A 4 0.40 24.98 3.53
N GLN A 5 1.58 25.27 4.13
CA GLN A 5 2.86 25.09 3.44
C GLN A 5 3.17 23.63 3.18
N LEU A 6 2.61 22.72 3.99
CA LEU A 6 2.71 21.29 3.70
C LEU A 6 1.95 20.94 2.43
N GLN A 7 0.76 21.55 2.24
CA GLN A 7 -0.16 21.13 1.17
C GLN A 7 0.44 21.38 -0.21
N LYS A 8 1.11 22.52 -0.39
CA LYS A 8 1.81 22.81 -1.64
C LYS A 8 2.91 21.78 -1.88
N ASP A 9 3.60 21.35 -0.82
CA ASP A 9 4.58 20.27 -0.93
C ASP A 9 3.93 18.98 -1.39
N LYS A 10 2.68 18.75 -0.99
CA LYS A 10 1.92 17.60 -1.49
C LYS A 10 1.77 17.65 -3.00
N GLN A 11 1.57 18.86 -3.55
CA GLN A 11 1.54 19.05 -5.00
C GLN A 11 2.86 18.66 -5.62
N VAL A 12 3.98 18.99 -4.96
CA VAL A 12 5.29 18.55 -5.42
C VAL A 12 5.39 17.03 -5.33
N TYR A 13 4.81 16.44 -4.26
CA TYR A 13 4.79 14.99 -4.17
C TYR A 13 3.82 14.38 -5.16
N ARG A 14 2.90 15.17 -5.71
CA ARG A 14 2.07 14.71 -6.81
C ARG A 14 2.67 15.02 -8.17
N ALA A 15 3.82 15.71 -8.21
CA ALA A 15 4.37 16.16 -9.48
C ALA A 15 5.48 15.25 -10.02
N THR A 16 6.18 14.54 -9.14
CA THR A 16 7.36 13.76 -9.53
C THR A 16 7.07 12.27 -9.47
N HIS A 17 7.80 11.52 -10.28
CA HIS A 17 7.73 10.07 -10.30
C HIS A 17 9.08 9.50 -9.87
N ARG A 18 9.06 8.62 -8.88
CA ARG A 18 10.28 8.04 -8.33
C ARG A 18 10.61 6.74 -9.04
N LEU A 19 11.90 6.52 -9.29
CA LEU A 19 12.37 5.34 -10.01
C LEU A 19 13.50 4.68 -9.22
N LEU A 20 13.57 3.36 -9.31
CA LEU A 20 14.63 2.60 -8.63
C LEU A 20 15.53 1.96 -9.68
N LEU A 21 16.81 2.32 -9.66
CA LEU A 21 17.78 1.84 -10.63
C LEU A 21 18.56 0.68 -10.03
N LEU A 22 18.54 -0.47 -10.70
CA LEU A 22 19.22 -1.67 -10.24
C LEU A 22 20.05 -2.27 -11.36
N GLY A 23 21.15 -2.90 -10.98
CA GLY A 23 22.03 -3.54 -11.94
C GLY A 23 23.29 -4.02 -11.25
N ALA A 24 24.11 -4.71 -12.02
CA ALA A 24 25.36 -5.26 -11.54
C ALA A 24 26.50 -4.31 -11.86
N ASP A 25 27.74 -4.76 -11.61
CA ASP A 25 28.90 -3.92 -11.86
C ASP A 25 29.22 -3.82 -13.34
N ASN A 26 29.04 -4.91 -14.09
CA ASN A 26 29.37 -4.91 -15.51
C ASN A 26 28.33 -4.15 -16.33
N SER A 27 27.09 -4.09 -15.86
CA SER A 27 26.04 -3.37 -16.57
C SER A 27 26.27 -1.87 -16.45
N GLY A 28 26.14 -1.16 -17.58
CA GLY A 28 26.34 0.27 -17.59
C GLY A 28 25.11 1.04 -17.16
N LYS A 29 24.75 0.93 -15.89
CA LYS A 29 23.56 1.62 -15.39
C LYS A 29 23.83 3.09 -15.08
N SER A 30 25.09 3.49 -14.97
CA SER A 30 25.41 4.91 -14.81
C SER A 30 25.31 5.68 -16.12
N THR A 31 25.31 4.97 -17.25
CA THR A 31 25.17 5.59 -18.56
C THR A 31 23.72 5.65 -19.01
N ILE A 32 22.91 4.67 -18.60
CA ILE A 32 21.50 4.57 -18.97
C ILE A 32 20.68 5.74 -18.42
N ILE A 52 24.62 7.84 -2.04
CA ILE A 52 23.82 7.39 -3.16
C ILE A 52 23.66 8.52 -4.17
N PHE A 53 23.27 8.17 -5.39
CA PHE A 53 23.21 9.12 -6.49
C PHE A 53 21.76 9.36 -6.91
N GLU A 54 21.42 10.63 -7.12
CA GLU A 54 20.09 11.02 -7.56
C GLU A 54 20.19 11.70 -8.92
N THR A 55 19.37 11.26 -9.88
CA THR A 55 19.34 11.84 -11.21
C THR A 55 17.92 12.27 -11.52
N LYS A 56 17.73 13.57 -11.78
CA LYS A 56 16.42 14.12 -12.10
C LYS A 56 16.40 14.51 -13.57
N PHE A 57 15.41 13.99 -14.30
CA PHE A 57 15.27 14.34 -15.71
C PHE A 57 13.80 14.56 -16.03
N GLN A 58 13.54 15.50 -16.93
CA GLN A 58 12.18 15.94 -17.27
C GLN A 58 11.87 15.57 -18.70
N VAL A 59 10.79 14.81 -18.90
CA VAL A 59 10.29 14.45 -20.23
C VAL A 59 8.85 14.90 -20.32
N ASP A 60 8.56 15.72 -21.36
CA ASP A 60 7.23 16.28 -21.65
C ASP A 60 6.63 17.01 -20.45
N LYS A 61 7.48 17.82 -19.78
CA LYS A 61 7.17 18.54 -18.55
C LYS A 61 6.70 17.62 -17.42
N VAL A 62 7.22 16.39 -17.39
CA VAL A 62 6.99 15.46 -16.30
C VAL A 62 8.35 15.09 -15.71
N ASN A 63 8.49 15.23 -14.40
CA ASN A 63 9.77 15.02 -13.73
C ASN A 63 9.88 13.58 -13.23
N PHE A 64 10.95 12.91 -13.62
CA PHE A 64 11.31 11.60 -13.12
C PHE A 64 12.58 11.71 -12.30
N HIS A 65 12.61 11.01 -11.17
CA HIS A 65 13.71 11.15 -10.21
C HIS A 65 14.21 9.74 -9.91
N MET A 66 15.35 9.37 -10.49
CA MET A 66 15.91 8.04 -10.37
C MET A 66 16.97 8.01 -9.27
N PHE A 67 17.01 6.91 -8.51
CA PHE A 67 17.94 6.75 -7.41
C PHE A 67 18.80 5.52 -7.68
N ASP A 68 20.12 5.71 -7.62
CA ASP A 68 21.08 4.61 -7.68
C ASP A 68 21.71 4.50 -6.31
N VAL A 69 21.58 3.33 -5.69
CA VAL A 69 22.02 3.10 -4.32
C VAL A 69 23.27 2.23 -4.35
N GLY A 70 24.37 2.75 -3.81
CA GLY A 70 25.61 2.00 -3.76
C GLY A 70 26.40 2.22 -2.49
N GLY A 71 25.81 2.92 -1.52
CA GLY A 71 26.50 3.22 -0.28
C GLY A 71 26.38 2.18 0.82
N GLN A 72 25.58 1.14 0.61
CA GLN A 72 25.37 0.11 1.61
C GLN A 72 26.06 -1.19 1.19
N ARG A 73 25.84 -2.23 2.00
CA ARG A 73 26.49 -3.52 1.79
C ARG A 73 25.75 -4.32 0.72
N ASP A 74 26.22 -5.56 0.49
CA ASP A 74 25.61 -6.41 -0.52
C ASP A 74 24.38 -7.15 -0.02
N GLU A 75 24.04 -7.02 1.26
CA GLU A 75 22.78 -7.56 1.76
C GLU A 75 21.68 -6.52 1.57
N ARG A 76 20.69 -6.85 0.74
CA ARG A 76 19.69 -5.86 0.31
C ARG A 76 18.28 -6.20 0.76
N ARG A 77 18.10 -7.19 1.64
CA ARG A 77 16.75 -7.64 1.96
C ARG A 77 16.03 -6.75 2.96
N LYS A 78 16.70 -5.76 3.53
CA LYS A 78 16.09 -4.93 4.57
C LYS A 78 15.85 -3.48 4.15
N TRP A 79 16.65 -2.92 3.25
CA TRP A 79 16.42 -1.55 2.82
C TRP A 79 15.63 -1.45 1.52
N ILE A 80 15.46 -2.57 0.80
CA ILE A 80 14.68 -2.56 -0.45
C ILE A 80 13.20 -2.28 -0.17
N GLN A 81 12.74 -2.55 1.05
CA GLN A 81 11.41 -2.19 1.51
C GLN A 81 11.18 -0.69 1.59
N CYS A 82 12.25 0.11 1.54
CA CYS A 82 12.10 1.56 1.41
C CYS A 82 11.57 1.97 0.04
N PHE A 83 11.62 1.08 -0.95
CA PHE A 83 11.17 1.37 -2.31
C PHE A 83 9.87 0.64 -2.63
N ASN A 84 8.96 0.58 -1.66
CA ASN A 84 7.67 -0.08 -1.85
C ASN A 84 6.72 0.78 -2.68
N ASP A 85 6.78 2.11 -2.51
CA ASP A 85 5.89 3.01 -3.22
C ASP A 85 6.55 3.65 -4.45
N VAL A 86 7.54 2.98 -5.02
CA VAL A 86 8.23 3.49 -6.20
C VAL A 86 7.38 3.21 -7.43
N THR A 87 7.51 4.05 -8.46
CA THR A 87 6.70 3.87 -9.67
C THR A 87 7.19 2.68 -10.48
N ALA A 88 8.49 2.59 -10.70
CA ALA A 88 9.04 1.52 -11.53
C ALA A 88 10.46 1.20 -11.11
N ILE A 89 10.89 -0.02 -11.43
CA ILE A 89 12.25 -0.47 -11.20
C ILE A 89 12.91 -0.66 -12.55
N ILE A 90 13.91 0.16 -12.86
CA ILE A 90 14.71 0.01 -14.06
C ILE A 90 15.85 -0.97 -13.75
N PHE A 91 15.80 -2.14 -14.37
CA PHE A 91 16.78 -3.20 -14.14
C PHE A 91 17.65 -3.33 -15.39
N VAL A 92 18.95 -3.08 -15.23
CA VAL A 92 19.89 -3.05 -16.34
C VAL A 92 20.72 -4.33 -16.31
N VAL A 93 20.77 -5.02 -17.46
CA VAL A 93 21.46 -6.29 -17.58
C VAL A 93 22.49 -6.20 -18.69
N ASP A 94 23.74 -6.52 -18.39
CA ASP A 94 24.77 -6.66 -19.41
C ASP A 94 24.57 -8.00 -20.12
N SER A 95 24.11 -7.95 -21.38
CA SER A 95 23.77 -9.16 -22.10
C SER A 95 24.99 -9.92 -22.59
N SER A 96 26.12 -9.23 -22.77
CA SER A 96 27.30 -9.87 -23.34
C SER A 96 28.03 -10.78 -22.35
N ASP A 97 27.77 -10.64 -21.05
CA ASP A 97 28.46 -11.43 -20.04
C ASP A 97 27.70 -12.73 -19.83
N TYR A 98 28.17 -13.81 -20.46
CA TYR A 98 27.55 -15.11 -20.29
C TYR A 98 27.88 -15.75 -18.95
N ASN A 99 28.99 -15.34 -18.31
CA ASN A 99 29.36 -15.91 -17.03
C ASN A 99 28.44 -15.43 -15.92
N ARG A 100 28.10 -14.14 -15.92
CA ARG A 100 27.29 -13.54 -14.86
C ARG A 100 25.85 -13.31 -15.28
N LEU A 101 25.39 -13.99 -16.34
CA LEU A 101 24.01 -13.86 -16.77
C LEU A 101 23.06 -14.60 -15.85
N GLN A 102 23.50 -15.73 -15.28
CA GLN A 102 22.65 -16.47 -14.35
C GLN A 102 22.46 -15.71 -13.04
N GLU A 103 23.48 -14.97 -12.61
CA GLU A 103 23.35 -14.13 -11.43
C GLU A 103 22.36 -12.99 -11.67
N ALA A 104 22.38 -12.42 -12.88
CA ALA A 104 21.41 -11.40 -13.25
C ALA A 104 19.99 -11.97 -13.30
N LEU A 105 19.85 -13.21 -13.80
CA LEU A 105 18.55 -13.86 -13.81
C LEU A 105 18.05 -14.14 -12.40
N ASN A 106 18.94 -14.53 -11.49
CA ASN A 106 18.56 -14.77 -10.10
C ASN A 106 18.18 -13.47 -9.40
N ASP A 107 18.89 -12.38 -9.70
CA ASP A 107 18.52 -11.07 -9.16
C ASP A 107 17.15 -10.62 -9.67
N PHE A 108 16.88 -10.85 -10.96
CA PHE A 108 15.58 -10.53 -11.54
C PHE A 108 14.47 -11.36 -10.90
N LYS A 109 14.74 -12.65 -10.66
CA LYS A 109 13.78 -13.52 -10.00
C LYS A 109 13.50 -13.07 -8.57
N SER A 110 14.54 -12.64 -7.85
CA SER A 110 14.36 -12.16 -6.48
C SER A 110 13.54 -10.88 -6.43
N ILE A 111 13.82 -9.92 -7.32
CA ILE A 111 13.06 -8.68 -7.36
C ILE A 111 11.62 -8.95 -7.81
N TRP A 112 11.43 -9.89 -8.75
CA TRP A 112 10.09 -10.19 -9.25
C TRP A 112 9.25 -10.90 -8.20
N ASN A 113 9.85 -11.77 -7.39
CA ASN A 113 9.10 -12.59 -6.45
C ASN A 113 9.13 -12.05 -5.02
N ASN A 114 9.56 -10.81 -4.82
CA ASN A 114 9.55 -10.23 -3.49
C ASN A 114 8.13 -9.90 -3.05
N ARG A 115 7.91 -9.93 -1.72
CA ARG A 115 6.59 -9.66 -1.18
C ARG A 115 6.24 -8.17 -1.21
N TRP A 116 7.23 -7.30 -1.03
CA TRP A 116 7.02 -5.86 -1.08
C TRP A 116 7.31 -5.27 -2.44
N LEU A 117 7.71 -6.08 -3.41
CA LEU A 117 7.93 -5.64 -4.79
C LEU A 117 7.01 -6.38 -5.76
N ARG A 118 5.90 -6.94 -5.27
CA ARG A 118 4.98 -7.71 -6.09
C ARG A 118 3.97 -6.84 -6.83
N THR A 119 3.99 -5.53 -6.62
CA THR A 119 3.08 -4.62 -7.30
C THR A 119 3.81 -3.53 -8.08
N ILE A 120 5.13 -3.62 -8.19
CA ILE A 120 5.95 -2.64 -8.89
C ILE A 120 6.44 -3.27 -10.18
N SER A 121 6.22 -2.58 -11.30
CA SER A 121 6.64 -3.09 -12.60
C SER A 121 8.12 -2.79 -12.85
N VAL A 122 8.73 -3.64 -13.67
CA VAL A 122 10.16 -3.59 -13.95
C VAL A 122 10.34 -3.28 -15.43
N ILE A 123 11.08 -2.22 -15.72
CA ILE A 123 11.53 -1.91 -17.06
C ILE A 123 12.92 -2.53 -17.23
N LEU A 124 13.03 -3.49 -18.12
CA LEU A 124 14.25 -4.27 -18.30
C LEU A 124 15.05 -3.69 -19.47
N PHE A 125 16.29 -3.31 -19.22
CA PHE A 125 17.16 -2.73 -20.23
C PHE A 125 18.33 -3.69 -20.46
N LEU A 126 18.34 -4.33 -21.63
CA LEU A 126 19.42 -5.24 -22.02
C LEU A 126 20.51 -4.41 -22.69
N ASN A 127 21.44 -3.94 -21.88
CA ASN A 127 22.49 -3.03 -22.33
C ASN A 127 23.57 -3.80 -23.10
N LYS A 128 24.47 -3.03 -23.71
CA LYS A 128 25.67 -3.50 -24.41
C LYS A 128 25.31 -4.44 -25.58
N GLN A 129 24.58 -3.89 -26.54
CA GLN A 129 24.16 -4.66 -27.70
C GLN A 129 25.29 -4.88 -28.70
N ASP A 130 26.18 -3.89 -28.85
CA ASP A 130 27.26 -3.99 -29.83
C ASP A 130 28.27 -5.07 -29.45
N LEU A 131 28.59 -5.17 -28.16
CA LEU A 131 29.49 -6.22 -27.70
C LEU A 131 28.84 -7.60 -27.81
N LEU A 132 27.53 -7.68 -27.62
CA LEU A 132 26.82 -8.94 -27.86
C LEU A 132 26.87 -9.34 -29.32
N ALA A 133 26.69 -8.37 -30.24
CA ALA A 133 26.78 -8.66 -31.66
C ALA A 133 28.19 -9.06 -32.08
N GLU A 134 29.21 -8.44 -31.47
CA GLU A 134 30.59 -8.83 -31.74
C GLU A 134 30.91 -10.21 -31.17
N LYS A 135 30.31 -10.57 -30.04
CA LYS A 135 30.50 -11.91 -29.48
C LYS A 135 29.79 -12.97 -30.31
N VAL A 136 28.64 -12.62 -30.91
CA VAL A 136 27.96 -13.54 -31.82
C VAL A 136 28.76 -13.73 -33.10
N LEU A 137 29.22 -12.64 -33.72
CA LEU A 137 29.91 -12.75 -35.00
C LEU A 137 31.35 -13.24 -34.88
N ALA A 138 31.90 -13.34 -33.67
CA ALA A 138 33.25 -13.87 -33.51
C ALA A 138 33.27 -15.38 -33.67
N TYR A 146 26.85 -22.59 -21.50
CA TYR A 146 26.29 -21.96 -20.32
C TYR A 146 24.80 -22.29 -20.18
N PHE A 147 24.05 -22.04 -21.26
CA PHE A 147 22.64 -22.37 -21.31
C PHE A 147 22.43 -23.49 -22.32
N PRO A 148 22.15 -24.73 -21.89
CA PRO A 148 22.04 -25.83 -22.85
C PRO A 148 20.75 -25.83 -23.66
N GLU A 149 19.78 -24.98 -23.34
CA GLU A 149 18.52 -24.93 -24.07
C GLU A 149 18.59 -24.02 -25.30
N PHE A 150 19.76 -23.43 -25.58
CA PHE A 150 19.89 -22.50 -26.70
C PHE A 150 19.84 -23.22 -28.04
N ALA A 151 20.21 -24.51 -28.07
CA ALA A 151 20.28 -25.24 -29.33
C ALA A 151 18.91 -25.49 -29.92
N ARG A 152 17.93 -25.81 -29.10
CA ARG A 152 16.56 -26.06 -29.55
C ARG A 152 15.71 -24.79 -29.41
N TYR A 153 16.16 -23.73 -30.08
CA TYR A 153 15.50 -22.43 -30.03
C TYR A 153 15.29 -21.89 -31.43
N THR A 154 14.22 -21.11 -31.59
CA THR A 154 13.84 -20.53 -32.87
C THR A 154 13.33 -19.12 -32.60
N THR A 155 13.68 -18.18 -33.48
CA THR A 155 13.25 -16.80 -33.36
C THR A 155 11.73 -16.70 -33.50
N PRO A 156 11.07 -15.87 -32.67
CA PRO A 156 9.61 -15.70 -32.74
C PRO A 156 9.14 -15.02 -34.03
N PRO A 167 21.61 -13.64 -39.07
CA PRO A 167 20.38 -13.79 -38.28
C PRO A 167 20.62 -14.47 -36.94
N ARG A 168 21.90 -14.67 -36.60
CA ARG A 168 22.25 -15.27 -35.32
C ARG A 168 22.13 -14.28 -34.17
N VAL A 169 22.37 -13.00 -34.44
CA VAL A 169 22.27 -11.96 -33.41
C VAL A 169 20.84 -11.82 -32.92
N THR A 170 19.88 -11.92 -33.83
CA THR A 170 18.47 -11.85 -33.46
C THR A 170 18.07 -13.02 -32.57
N ARG A 171 18.56 -14.22 -32.89
CA ARG A 171 18.28 -15.40 -32.09
C ARG A 171 18.89 -15.29 -30.70
N ALA A 172 20.12 -14.80 -30.60
CA ALA A 172 20.76 -14.62 -29.30
C ALA A 172 20.05 -13.55 -28.47
N LYS A 173 19.66 -12.44 -29.11
CA LYS A 173 18.95 -11.35 -28.44
C LYS A 173 17.61 -11.82 -27.88
N TYR A 174 16.83 -12.52 -28.70
CA TYR A 174 15.53 -12.94 -28.24
C TYR A 174 15.59 -14.15 -27.30
N PHE A 175 16.66 -14.96 -27.35
CA PHE A 175 16.85 -15.97 -26.32
C PHE A 175 17.15 -15.34 -24.97
N ILE A 176 18.02 -14.32 -24.95
CA ILE A 176 18.33 -13.63 -23.70
C ILE A 176 17.11 -12.88 -23.17
N ARG A 177 16.32 -12.30 -24.07
CA ARG A 177 15.09 -11.61 -23.63
C ARG A 177 14.05 -12.59 -23.11
N ASP A 178 13.88 -13.74 -23.78
CA ASP A 178 12.91 -14.73 -23.32
C ASP A 178 13.35 -15.44 -22.06
N GLU A 179 14.65 -15.44 -21.75
CA GLU A 179 15.11 -15.96 -20.47
C GLU A 179 14.55 -15.15 -19.30
N PHE A 180 14.50 -13.83 -19.44
CA PHE A 180 13.84 -13.01 -18.43
C PHE A 180 12.32 -13.05 -18.55
N LEU A 181 11.81 -13.19 -19.77
CA LEU A 181 10.36 -13.19 -19.96
C LEU A 181 9.70 -14.45 -19.41
N ARG A 182 10.42 -15.57 -19.36
CA ARG A 182 9.90 -16.78 -18.73
C ARG A 182 9.71 -16.57 -17.23
N ILE A 183 10.66 -15.89 -16.58
CA ILE A 183 10.52 -15.56 -15.17
C ILE A 183 9.41 -14.54 -14.97
N SER A 184 9.26 -13.60 -15.91
CA SER A 184 8.22 -12.57 -15.81
C SER A 184 6.82 -13.17 -15.94
N THR A 185 6.65 -14.12 -16.85
CA THR A 185 5.35 -14.74 -17.07
C THR A 185 5.16 -16.03 -16.27
N ALA A 186 6.13 -16.40 -15.43
CA ALA A 186 5.95 -17.57 -14.57
C ALA A 186 4.91 -17.32 -13.49
N SER A 187 4.94 -16.15 -12.86
CA SER A 187 4.00 -15.81 -11.80
C SER A 187 3.89 -14.31 -11.69
N GLY A 188 2.79 -13.87 -11.07
CA GLY A 188 2.56 -12.46 -10.79
C GLY A 188 2.38 -11.57 -12.00
N ASP A 189 1.75 -12.09 -13.06
CA ASP A 189 1.56 -11.29 -14.27
C ASP A 189 0.45 -10.27 -14.13
N GLY A 190 -0.55 -10.55 -13.29
CA GLY A 190 -1.69 -9.66 -13.18
C GLY A 190 -1.37 -8.36 -12.44
N ARG A 191 -0.58 -8.45 -11.37
CA ARG A 191 -0.31 -7.27 -10.55
C ARG A 191 0.69 -6.32 -11.19
N HIS A 192 1.66 -6.85 -11.93
CA HIS A 192 2.70 -6.03 -12.53
C HIS A 192 3.25 -6.73 -13.77
N TYR A 193 3.89 -5.96 -14.63
CA TYR A 193 4.33 -6.43 -15.94
C TYR A 193 5.79 -6.05 -16.16
N CYS A 194 6.38 -6.64 -17.20
CA CYS A 194 7.76 -6.37 -17.59
C CYS A 194 7.79 -5.72 -18.97
N TYR A 195 8.74 -4.82 -19.17
CA TYR A 195 8.90 -4.08 -20.42
C TYR A 195 10.35 -4.19 -20.88
N PRO A 196 10.67 -5.22 -21.65
CA PRO A 196 12.05 -5.39 -22.12
C PRO A 196 12.42 -4.40 -23.20
N HIS A 197 13.72 -4.10 -23.27
CA HIS A 197 14.26 -3.20 -24.28
C HIS A 197 15.64 -3.68 -24.69
N PHE A 198 16.05 -3.32 -25.91
CA PHE A 198 17.38 -3.61 -26.42
C PHE A 198 18.12 -2.29 -26.56
N THR A 199 19.25 -2.17 -25.87
CA THR A 199 19.95 -0.89 -25.73
C THR A 199 21.43 -1.07 -26.00
N CYS A 200 22.01 -0.14 -26.75
CA CYS A 200 23.45 -0.05 -26.94
C CYS A 200 24.02 1.08 -26.10
N ALA A 201 25.35 1.21 -26.13
CA ALA A 201 26.02 2.23 -25.35
C ALA A 201 25.86 3.63 -25.92
N VAL A 202 25.52 3.75 -27.20
CA VAL A 202 25.34 5.04 -27.85
C VAL A 202 23.86 5.37 -28.03
N ASP A 203 22.98 4.77 -27.23
CA ASP A 203 21.56 5.01 -27.34
C ASP A 203 21.14 6.20 -26.49
N THR A 204 20.22 7.01 -27.02
CA THR A 204 19.77 8.22 -26.35
C THR A 204 18.28 8.24 -26.03
N GLU A 205 17.51 7.29 -26.54
CA GLU A 205 16.06 7.31 -26.40
C GLU A 205 15.56 6.49 -25.22
N ASN A 206 16.37 6.34 -24.16
CA ASN A 206 15.94 5.55 -23.01
C ASN A 206 14.95 6.31 -22.14
N ALA A 207 15.06 7.64 -22.07
CA ALA A 207 14.11 8.44 -21.32
C ALA A 207 12.73 8.43 -21.98
N ARG A 208 12.71 8.36 -23.32
CA ARG A 208 11.48 8.19 -24.08
C ARG A 208 10.77 6.89 -23.69
N ARG A 209 11.55 5.81 -23.60
CA ARG A 209 11.01 4.49 -23.24
C ARG A 209 10.53 4.47 -21.80
N ILE A 210 11.27 5.13 -20.90
CA ILE A 210 10.88 5.21 -19.49
C ILE A 210 9.57 5.98 -19.34
N PHE A 211 9.44 7.09 -20.08
CA PHE A 211 8.21 7.88 -20.12
C PHE A 211 7.03 7.04 -20.60
N ASN A 212 7.19 6.35 -21.73
CA ASN A 212 6.11 5.55 -22.30
C ASN A 212 5.72 4.38 -21.41
N ASP A 213 6.72 3.71 -20.81
CA ASP A 213 6.43 2.58 -19.95
C ASP A 213 5.75 3.01 -18.65
N CYS A 214 6.18 4.12 -18.04
CA CYS A 214 5.52 4.60 -16.83
C CYS A 214 4.10 5.09 -17.11
N LYS A 215 3.91 5.69 -18.30
CA LYS A 215 2.57 6.05 -18.76
C LYS A 215 1.68 4.82 -18.87
N ASP A 216 2.13 3.70 -19.40
CA ASP A 216 1.27 2.49 -19.43
C ASP A 216 1.15 1.85 -18.06
N ILE A 217 2.14 2.01 -17.20
CA ILE A 217 2.21 1.34 -15.86
C ILE A 217 1.13 1.93 -15.01
N ILE A 218 0.93 3.24 -15.08
CA ILE A 218 -0.16 3.91 -14.31
C ILE A 218 -1.45 3.88 -15.12
N LEU A 219 -1.39 3.95 -16.44
CA LEU A 219 -2.62 3.80 -17.19
C LEU A 219 -3.37 2.54 -16.79
N GLN A 220 -2.66 1.41 -16.68
CA GLN A 220 -3.31 0.20 -16.16
C GLN A 220 -3.69 0.34 -14.69
N MET A 221 -2.98 1.17 -13.93
CA MET A 221 -3.41 1.45 -12.56
C MET A 221 -4.69 2.27 -12.53
N ASN A 222 -4.79 3.30 -13.39
CA ASN A 222 -5.96 4.16 -13.42
C ASN A 222 -7.18 3.46 -14.00
N LEU A 223 -6.97 2.47 -14.88
CA LEU A 223 -8.09 1.72 -15.43
C LEU A 223 -8.74 0.84 -14.38
N ARG A 224 -7.98 0.40 -13.37
CA ARG A 224 -8.55 -0.39 -12.28
C ARG A 224 -9.00 0.46 -11.11
N GLU A 225 -8.39 1.64 -10.94
CA GLU A 225 -8.80 2.53 -9.86
C GLU A 225 -10.16 3.18 -10.15
N TYR A 226 -10.44 3.45 -11.42
CA TYR A 226 -11.65 4.17 -11.82
C TYR A 226 -12.80 3.24 -12.17
N ASN A 227 -12.80 2.01 -11.62
CA ASN A 227 -13.87 1.01 -11.74
C ASN A 227 -14.15 0.60 -13.19
N LEU A 228 -13.16 0.73 -14.08
CA LEU A 228 -13.38 0.36 -15.47
C LEU A 228 -13.02 -1.10 -15.73
N VAL A 229 -12.03 -1.63 -15.02
CA VAL A 229 -11.64 -3.03 -15.15
C VAL A 229 -11.05 -3.53 -13.83
N GLU B 32 -66.37 14.39 -20.80
CA GLU B 32 -66.88 15.67 -21.31
C GLU B 32 -66.78 16.87 -20.33
N PRO B 33 -67.01 16.72 -19.00
CA PRO B 33 -66.58 17.80 -18.10
C PRO B 33 -65.08 17.95 -18.03
N ASN B 34 -64.33 16.86 -18.19
CA ASN B 34 -62.88 16.90 -18.14
C ASN B 34 -62.34 15.71 -18.90
N GLN B 35 -61.44 15.96 -19.86
CA GLN B 35 -60.77 14.87 -20.55
C GLN B 35 -59.55 14.43 -19.74
N PHE B 36 -58.67 13.65 -20.37
CA PHE B 36 -57.51 12.99 -19.77
C PHE B 36 -57.88 12.03 -18.64
N VAL B 37 -59.12 11.54 -18.63
CA VAL B 37 -59.53 10.50 -17.68
C VAL B 37 -59.41 9.17 -18.37
N GLN B 38 -58.24 8.53 -18.24
CA GLN B 38 -57.99 7.28 -18.92
C GLN B 38 -58.80 6.14 -18.29
N PRO B 39 -59.16 5.12 -19.07
CA PRO B 39 -59.72 3.91 -18.48
C PRO B 39 -58.68 3.16 -17.66
N ALA B 40 -59.16 2.26 -16.82
CA ALA B 40 -58.34 1.65 -15.77
C ALA B 40 -57.23 0.76 -16.32
N TRP B 41 -57.42 0.13 -17.49
CA TRP B 41 -56.41 -0.77 -18.02
C TRP B 41 -55.17 -0.03 -18.48
N GLN B 42 -55.35 1.17 -19.05
CA GLN B 42 -54.20 2.01 -19.40
C GLN B 42 -53.43 2.44 -18.16
N ILE B 43 -54.16 2.74 -17.08
CA ILE B 43 -53.52 3.11 -15.82
C ILE B 43 -52.74 1.94 -15.23
N VAL B 44 -53.28 0.71 -15.37
CA VAL B 44 -52.57 -0.49 -14.89
C VAL B 44 -51.29 -0.73 -15.70
N LEU B 45 -51.38 -0.60 -17.03
CA LEU B 45 -50.22 -0.82 -17.88
C LEU B 45 -49.13 0.23 -17.65
N TRP B 46 -49.51 1.50 -17.55
CA TRP B 46 -48.54 2.55 -17.27
C TRP B 46 -47.99 2.44 -15.84
N ALA B 47 -48.80 1.96 -14.89
CA ALA B 47 -48.34 1.77 -13.52
C ALA B 47 -47.29 0.67 -13.45
N ALA B 48 -47.49 -0.43 -14.18
CA ALA B 48 -46.48 -1.48 -14.22
C ALA B 48 -45.19 -0.98 -14.90
N ALA B 49 -45.34 -0.29 -16.05
CA ALA B 49 -44.18 0.16 -16.81
C ALA B 49 -43.39 1.22 -16.08
N TYR B 50 -44.03 2.01 -15.21
CA TYR B 50 -43.30 2.99 -14.41
C TYR B 50 -42.79 2.41 -13.10
N THR B 51 -43.52 1.46 -12.49
CA THR B 51 -43.10 0.87 -11.23
C THR B 51 -41.84 0.04 -11.41
N VAL B 52 -41.72 -0.66 -12.55
CA VAL B 52 -40.53 -1.46 -12.83
C VAL B 52 -39.28 -0.58 -12.86
N ILE B 53 -39.36 0.55 -13.58
CA ILE B 53 -38.18 1.39 -13.71
C ILE B 53 -37.88 2.17 -12.43
N VAL B 54 -38.90 2.56 -11.65
CA VAL B 54 -38.58 3.28 -10.41
C VAL B 54 -37.98 2.34 -9.36
N VAL B 55 -38.47 1.09 -9.28
CA VAL B 55 -37.89 0.14 -8.35
C VAL B 55 -36.46 -0.21 -8.74
N THR B 56 -36.22 -0.46 -10.04
CA THR B 56 -34.87 -0.77 -10.52
C THR B 56 -33.92 0.39 -10.29
N SER B 57 -34.38 1.63 -10.55
CA SER B 57 -33.55 2.82 -10.38
C SER B 57 -33.18 3.05 -8.92
N VAL B 58 -34.18 3.04 -8.01
CA VAL B 58 -33.85 3.38 -6.63
C VAL B 58 -33.07 2.26 -5.94
N VAL B 59 -33.35 0.99 -6.26
CA VAL B 59 -32.59 -0.11 -5.65
C VAL B 59 -31.15 -0.10 -6.15
N GLY B 60 -30.94 0.07 -7.47
CA GLY B 60 -29.58 0.12 -7.99
C GLY B 60 -28.78 1.30 -7.47
N ASN B 61 -29.42 2.47 -7.37
CA ASN B 61 -28.70 3.66 -6.91
C ASN B 61 -28.36 3.59 -5.43
N VAL B 62 -29.28 3.10 -4.58
CA VAL B 62 -28.92 3.03 -3.16
C VAL B 62 -27.95 1.88 -2.88
N VAL B 63 -27.95 0.81 -3.68
CA VAL B 63 -26.92 -0.21 -3.50
C VAL B 63 -25.55 0.30 -3.92
N VAL B 64 -25.48 1.09 -5.01
CA VAL B 64 -24.20 1.70 -5.40
C VAL B 64 -23.69 2.68 -4.34
N MET B 65 -24.59 3.50 -3.79
CA MET B 65 -24.20 4.42 -2.71
C MET B 65 -23.75 3.67 -1.46
N TRP B 66 -24.43 2.59 -1.10
CA TRP B 66 -24.04 1.81 0.08
C TRP B 66 -22.71 1.10 -0.14
N ILE B 67 -22.48 0.61 -1.37
CA ILE B 67 -21.22 -0.06 -1.71
C ILE B 67 -20.05 0.90 -1.58
N ILE B 68 -20.21 2.11 -2.09
CA ILE B 68 -19.09 3.06 -2.04
C ILE B 68 -18.89 3.61 -0.63
N LEU B 69 -19.98 4.01 0.03
CA LEU B 69 -19.85 4.72 1.30
C LEU B 69 -19.80 3.82 2.53
N ALA B 70 -19.99 2.51 2.38
CA ALA B 70 -20.04 1.64 3.54
C ALA B 70 -18.82 0.74 3.69
N HIS B 71 -18.13 0.42 2.59
CA HIS B 71 -17.05 -0.56 2.65
C HIS B 71 -15.73 0.02 3.15
N LYS B 72 -15.60 1.35 3.19
CA LYS B 72 -14.48 2.14 3.69
C LYS B 72 -13.19 2.01 2.88
N ARG B 73 -13.17 1.17 1.83
CA ARG B 73 -12.08 1.14 0.88
C ARG B 73 -12.45 1.80 -0.44
N MET B 74 -13.74 1.85 -0.76
CA MET B 74 -14.22 2.56 -1.94
C MET B 74 -14.39 4.05 -1.68
N ARG B 75 -14.27 4.50 -0.43
CA ARG B 75 -14.37 5.92 -0.11
C ARG B 75 -13.12 6.64 -0.58
N THR B 76 -13.13 7.08 -1.83
CA THR B 76 -11.97 7.61 -2.49
C THR B 76 -12.39 8.91 -3.18
N VAL B 77 -11.42 9.79 -3.44
CA VAL B 77 -11.64 11.05 -4.15
C VAL B 77 -12.21 10.80 -5.55
N THR B 78 -11.87 9.66 -6.15
CA THR B 78 -12.40 9.27 -7.46
C THR B 78 -13.91 9.09 -7.43
N ASN B 79 -14.45 8.46 -6.39
CA ASN B 79 -15.84 8.05 -6.35
C ASN B 79 -16.79 9.12 -5.79
N TYR B 80 -16.28 10.32 -5.49
CA TYR B 80 -17.14 11.38 -4.96
C TYR B 80 -18.14 11.84 -6.02
N PHE B 81 -17.69 12.01 -7.26
CA PHE B 81 -18.61 12.34 -8.34
C PHE B 81 -19.56 11.18 -8.63
N LEU B 82 -19.11 9.94 -8.40
CA LEU B 82 -19.97 8.78 -8.58
C LEU B 82 -21.12 8.78 -7.57
N VAL B 83 -20.84 9.06 -6.29
CA VAL B 83 -21.94 9.07 -5.33
C VAL B 83 -22.80 10.32 -5.48
N ASN B 84 -22.23 11.44 -5.96
CA ASN B 84 -23.05 12.60 -6.28
C ASN B 84 -24.02 12.29 -7.42
N LEU B 85 -23.54 11.62 -8.47
CA LEU B 85 -24.38 11.22 -9.58
C LEU B 85 -25.44 10.21 -9.15
N ALA B 86 -25.07 9.27 -8.28
CA ALA B 86 -26.03 8.27 -7.81
C ALA B 86 -27.12 8.88 -6.94
N PHE B 87 -26.74 9.82 -6.06
CA PHE B 87 -27.73 10.51 -5.23
C PHE B 87 -28.67 11.37 -6.06
N ALA B 88 -28.12 12.09 -7.04
CA ALA B 88 -28.96 12.91 -7.92
C ALA B 88 -29.90 12.06 -8.76
N GLU B 89 -29.41 10.91 -9.26
CA GLU B 89 -30.24 10.03 -10.06
C GLU B 89 -31.34 9.37 -9.22
N ALA B 90 -31.03 8.99 -7.99
CA ALA B 90 -32.04 8.39 -7.12
C ALA B 90 -33.13 9.39 -6.75
N SER B 91 -32.73 10.63 -6.40
CA SER B 91 -33.70 11.68 -6.10
C SER B 91 -34.57 12.00 -7.31
N MET B 92 -33.93 12.08 -8.49
CA MET B 92 -34.61 12.21 -9.78
C MET B 92 -35.69 11.16 -9.97
N ALA B 93 -35.28 9.90 -9.94
CA ALA B 93 -36.16 8.76 -10.22
C ALA B 93 -37.35 8.75 -9.28
N ALA B 94 -37.09 8.73 -7.96
CA ALA B 94 -38.13 8.68 -6.94
C ALA B 94 -39.09 9.86 -7.03
N PHE B 95 -38.60 11.08 -6.73
CA PHE B 95 -39.49 12.22 -6.61
C PHE B 95 -40.12 12.60 -7.95
N ASN B 96 -39.27 12.79 -8.99
CA ASN B 96 -39.77 13.25 -10.27
C ASN B 96 -40.70 12.25 -10.92
N THR B 97 -40.31 10.96 -10.96
CA THR B 97 -41.11 9.99 -11.69
C THR B 97 -42.41 9.67 -10.96
N VAL B 98 -42.38 9.57 -9.62
CA VAL B 98 -43.59 9.25 -8.88
C VAL B 98 -44.59 10.41 -8.95
N VAL B 99 -44.13 11.64 -8.70
CA VAL B 99 -45.04 12.79 -8.70
C VAL B 99 -45.55 13.08 -10.11
N ASN B 100 -44.69 12.93 -11.13
CA ASN B 100 -45.12 13.20 -12.49
C ASN B 100 -46.04 12.12 -13.04
N PHE B 101 -45.85 10.86 -12.63
CA PHE B 101 -46.79 9.82 -13.03
C PHE B 101 -48.15 10.02 -12.37
N THR B 102 -48.16 10.41 -11.08
CA THR B 102 -49.41 10.69 -10.39
C THR B 102 -50.14 11.88 -11.02
N TYR B 103 -49.40 12.92 -11.40
CA TYR B 103 -50.01 14.07 -12.04
C TYR B 103 -50.34 13.81 -13.51
N ALA B 104 -49.78 12.76 -14.12
CA ALA B 104 -50.05 12.48 -15.52
C ALA B 104 -51.12 11.42 -15.75
N VAL B 105 -51.51 10.67 -14.72
CA VAL B 105 -52.58 9.67 -14.89
C VAL B 105 -53.91 10.35 -15.20
N HIS B 106 -54.32 11.30 -14.37
CA HIS B 106 -55.63 11.92 -14.52
C HIS B 106 -55.58 13.43 -14.75
N ASN B 107 -54.38 14.01 -14.85
CA ASN B 107 -54.14 15.45 -14.95
C ASN B 107 -54.80 16.22 -13.81
N GLU B 108 -54.66 15.70 -12.60
CA GLU B 108 -55.18 16.35 -11.41
C GLU B 108 -54.06 16.44 -10.37
N TRP B 109 -53.99 17.57 -9.67
CA TRP B 109 -52.96 17.83 -8.68
C TRP B 109 -53.50 17.56 -7.29
N TYR B 110 -52.79 16.72 -6.53
CA TYR B 110 -53.22 16.31 -5.20
C TYR B 110 -52.31 16.83 -4.10
N TYR B 111 -51.50 17.86 -4.36
CA TYR B 111 -50.41 18.19 -3.47
C TYR B 111 -50.37 19.63 -2.97
N GLY B 112 -51.10 20.56 -3.57
CA GLY B 112 -51.14 21.91 -3.07
C GLY B 112 -50.04 22.80 -3.61
N LEU B 113 -50.08 24.06 -3.15
CA LEU B 113 -49.24 25.11 -3.72
C LEU B 113 -47.78 24.96 -3.32
N PHE B 114 -47.52 24.62 -2.04
CA PHE B 114 -46.14 24.49 -1.57
C PHE B 114 -45.43 23.31 -2.23
N TYR B 115 -46.11 22.17 -2.35
CA TYR B 115 -45.49 21.05 -3.05
C TYR B 115 -45.45 21.26 -4.55
N CYS B 116 -46.36 22.09 -5.10
CA CYS B 116 -46.25 22.48 -6.50
C CYS B 116 -44.97 23.26 -6.76
N LYS B 117 -44.68 24.23 -5.88
CA LYS B 117 -43.43 25.00 -6.00
C LYS B 117 -42.21 24.12 -5.73
N PHE B 118 -42.31 23.20 -4.77
CA PHE B 118 -41.18 22.33 -4.47
C PHE B 118 -40.90 21.33 -5.60
N HIS B 119 -41.95 20.82 -6.24
CA HIS B 119 -41.78 19.91 -7.37
C HIS B 119 -41.27 20.64 -8.60
N ASN B 120 -41.62 21.92 -8.76
CA ASN B 120 -41.02 22.66 -9.87
C ASN B 120 -39.67 23.26 -9.52
N PHE B 121 -39.21 23.16 -8.27
CA PHE B 121 -37.87 23.63 -7.91
C PHE B 121 -36.84 22.51 -7.79
N PHE B 122 -37.07 21.53 -6.91
CA PHE B 122 -36.01 20.59 -6.51
C PHE B 122 -35.74 19.41 -7.45
N PRO B 123 -36.73 18.63 -7.95
CA PRO B 123 -36.35 17.50 -8.83
C PRO B 123 -35.80 17.93 -10.18
N ILE B 124 -36.18 19.11 -10.67
CA ILE B 124 -35.57 19.63 -11.89
C ILE B 124 -34.10 19.95 -11.66
N ALA B 125 -33.78 20.49 -10.48
CA ALA B 125 -32.40 20.68 -10.09
C ALA B 125 -31.67 19.35 -9.91
N ALA B 126 -32.38 18.31 -9.49
CA ALA B 126 -31.77 16.98 -9.40
C ALA B 126 -31.45 16.43 -10.79
N VAL B 127 -32.32 16.69 -11.78
CA VAL B 127 -32.05 16.33 -13.18
C VAL B 127 -30.79 17.01 -13.67
N PHE B 128 -30.70 18.32 -13.44
CA PHE B 128 -29.56 19.10 -13.95
C PHE B 128 -28.27 18.71 -13.25
N ALA B 129 -28.34 18.44 -11.94
CA ALA B 129 -27.19 18.00 -11.18
C ALA B 129 -26.73 16.60 -11.59
N SER B 130 -27.67 15.72 -11.96
CA SER B 130 -27.29 14.40 -12.45
C SER B 130 -26.56 14.48 -13.78
N ILE B 131 -27.05 15.32 -14.70
CA ILE B 131 -26.41 15.46 -16.01
C ILE B 131 -25.03 16.10 -15.87
N TYR B 132 -24.91 17.11 -15.00
CA TYR B 132 -23.60 17.73 -14.78
C TYR B 132 -22.64 16.81 -14.02
N SER B 133 -23.17 15.94 -13.15
CA SER B 133 -22.33 14.97 -12.46
C SER B 133 -21.80 13.91 -13.42
N MET B 134 -22.64 13.48 -14.38
CA MET B 134 -22.19 12.55 -15.40
C MET B 134 -21.13 13.19 -16.30
N THR B 135 -21.29 14.49 -16.59
CA THR B 135 -20.25 15.23 -17.32
C THR B 135 -18.95 15.28 -16.53
N ALA B 136 -19.04 15.46 -15.21
CA ALA B 136 -17.84 15.47 -14.37
C ALA B 136 -17.15 14.11 -14.32
N VAL B 137 -17.93 13.02 -14.30
CA VAL B 137 -17.38 11.67 -14.32
C VAL B 137 -16.67 11.41 -15.65
N ALA B 138 -17.26 11.87 -16.77
CA ALA B 138 -16.61 11.76 -18.06
C ALA B 138 -15.32 12.58 -18.13
N PHE B 139 -15.30 13.74 -17.46
CA PHE B 139 -14.08 14.53 -17.36
C PHE B 139 -13.00 13.81 -16.57
N ASP B 140 -13.39 13.12 -15.49
CA ASP B 140 -12.44 12.31 -14.71
C ASP B 140 -11.84 11.21 -15.56
N ARG B 141 -12.68 10.53 -16.35
CA ARG B 141 -12.20 9.44 -17.19
C ARG B 141 -11.25 9.94 -18.27
N TYR B 142 -11.59 11.09 -18.88
CA TYR B 142 -10.71 11.69 -19.89
C TYR B 142 -9.37 12.09 -19.30
N MET B 143 -9.38 12.73 -18.12
CA MET B 143 -8.13 13.16 -17.50
C MET B 143 -7.31 11.98 -16.99
N ALA B 144 -7.96 10.91 -16.53
CA ALA B 144 -7.23 9.77 -15.99
C ALA B 144 -6.65 8.89 -17.10
N ILE B 145 -7.29 8.83 -18.26
CA ILE B 145 -6.83 7.96 -19.34
C ILE B 145 -5.91 8.68 -20.31
N ILE B 146 -6.28 9.89 -20.74
CA ILE B 146 -5.48 10.60 -21.73
C ILE B 146 -4.18 11.14 -21.11
N HIS B 147 -4.26 11.66 -19.88
CA HIS B 147 -3.11 12.23 -19.19
C HIS B 147 -2.92 11.52 -17.85
N PRO B 148 -2.40 10.28 -17.85
CA PRO B 148 -2.32 9.53 -16.59
C PRO B 148 -1.19 9.99 -15.67
N LEU B 149 -0.09 10.46 -16.25
CA LEU B 149 1.05 10.92 -15.46
C LEU B 149 0.74 12.21 -14.70
N GLN B 150 -0.22 13.00 -15.18
CA GLN B 150 -0.65 14.21 -14.49
C GLN B 150 -1.43 13.84 -13.22
N PRO B 151 -1.26 14.58 -12.14
CA PRO B 151 -1.98 14.26 -10.90
C PRO B 151 -3.45 14.57 -10.98
N ARG B 152 -4.22 13.89 -10.14
CA ARG B 152 -5.66 14.05 -10.06
C ARG B 152 -6.01 15.37 -9.38
N LEU B 153 -7.29 15.74 -9.47
CA LEU B 153 -7.80 16.90 -8.74
C LEU B 153 -7.80 16.62 -7.25
N SER B 154 -7.67 17.69 -6.47
CA SER B 154 -7.66 17.58 -5.02
C SER B 154 -9.05 17.24 -4.48
N ALA B 155 -9.09 16.80 -3.23
CA ALA B 155 -10.37 16.52 -2.58
C ALA B 155 -11.17 17.79 -2.36
N THR B 156 -10.49 18.88 -2.00
CA THR B 156 -11.17 20.16 -1.87
C THR B 156 -11.64 20.69 -3.23
N ALA B 157 -10.88 20.42 -4.31
CA ALA B 157 -11.33 20.80 -5.65
C ALA B 157 -12.53 19.97 -6.08
N THR B 158 -12.55 18.69 -5.70
CA THR B 158 -13.70 17.83 -5.97
C THR B 158 -14.95 18.32 -5.24
N LYS B 159 -14.80 18.72 -3.97
CA LYS B 159 -15.92 19.28 -3.23
C LYS B 159 -16.37 20.62 -3.79
N VAL B 160 -15.44 21.43 -4.28
CA VAL B 160 -15.78 22.68 -4.95
C VAL B 160 -16.60 22.44 -6.21
N VAL B 161 -16.20 21.45 -7.02
CA VAL B 161 -16.92 21.15 -8.26
C VAL B 161 -18.32 20.59 -7.95
N ILE B 162 -18.43 19.78 -6.90
CA ILE B 162 -19.76 19.30 -6.45
C ILE B 162 -20.64 20.48 -6.03
N CYS B 163 -20.08 21.41 -5.27
CA CYS B 163 -20.83 22.58 -4.82
C CYS B 163 -21.27 23.47 -5.98
N VAL B 164 -20.37 23.68 -6.96
CA VAL B 164 -20.71 24.49 -8.14
C VAL B 164 -21.78 23.81 -8.97
N ILE B 165 -21.70 22.48 -9.12
CA ILE B 165 -22.70 21.74 -9.90
C ILE B 165 -24.08 21.87 -9.25
N TRP B 166 -24.16 21.69 -7.93
CA TRP B 166 -25.45 21.79 -7.26
C TRP B 166 -25.97 23.23 -7.20
N VAL B 167 -25.09 24.22 -7.06
CA VAL B 167 -25.51 25.62 -7.02
C VAL B 167 -26.07 26.07 -8.36
N LEU B 168 -25.37 25.76 -9.47
CA LEU B 168 -25.92 26.12 -10.77
C LEU B 168 -27.12 25.25 -11.16
N ALA B 169 -27.24 24.03 -10.64
CA ALA B 169 -28.45 23.24 -10.86
C ALA B 169 -29.66 23.89 -10.20
N LEU B 170 -29.52 24.29 -8.94
CA LEU B 170 -30.62 24.97 -8.25
C LEU B 170 -30.89 26.35 -8.85
N LEU B 171 -29.85 27.05 -9.30
CA LEU B 171 -30.03 28.36 -9.92
C LEU B 171 -30.74 28.26 -11.27
N LEU B 172 -30.48 27.21 -12.04
CA LEU B 172 -31.19 27.01 -13.29
C LEU B 172 -32.62 26.53 -13.06
N ALA B 173 -32.86 25.73 -12.02
CA ALA B 173 -34.22 25.25 -11.76
C ALA B 173 -35.06 26.23 -10.95
N PHE B 174 -34.46 27.31 -10.43
CA PHE B 174 -35.20 28.28 -9.63
C PHE B 174 -36.34 29.03 -10.33
N PRO B 175 -36.23 29.55 -11.57
CA PRO B 175 -37.36 30.34 -12.12
C PRO B 175 -38.63 29.54 -12.38
N GLN B 176 -38.53 28.22 -12.57
CA GLN B 176 -39.75 27.43 -12.70
C GLN B 176 -40.42 27.18 -11.35
N GLY B 177 -39.63 27.04 -10.28
CA GLY B 177 -40.20 26.89 -8.96
C GLY B 177 -40.66 28.18 -8.32
N TYR B 178 -40.16 29.31 -8.80
CA TYR B 178 -40.60 30.60 -8.27
C TYR B 178 -41.96 31.01 -8.83
N TYR B 179 -42.15 30.84 -10.13
CA TYR B 179 -43.39 31.23 -10.80
C TYR B 179 -44.45 30.14 -10.75
N SER B 180 -44.20 29.05 -10.04
CA SER B 180 -45.16 27.96 -9.95
C SER B 180 -46.39 28.37 -9.14
N THR B 181 -47.56 27.93 -9.60
CA THR B 181 -48.81 28.23 -8.93
C THR B 181 -49.82 27.13 -9.25
N THR B 182 -50.85 27.05 -8.42
CA THR B 182 -51.94 26.11 -8.60
C THR B 182 -53.24 26.86 -8.86
N GLU B 183 -54.09 26.28 -9.69
CA GLU B 183 -55.37 26.89 -10.04
C GLU B 183 -56.46 25.82 -9.98
N THR B 184 -57.65 26.24 -9.56
CA THR B 184 -58.80 25.36 -9.45
C THR B 184 -59.76 25.61 -10.61
N MET B 185 -59.83 24.65 -11.52
CA MET B 185 -60.80 24.58 -12.60
C MET B 185 -61.96 23.71 -12.16
N PRO B 186 -63.12 23.76 -12.89
CA PRO B 186 -64.22 22.81 -12.57
C PRO B 186 -63.82 21.35 -12.60
N SER B 187 -63.85 20.74 -11.41
CA SER B 187 -63.39 19.38 -11.13
C SER B 187 -61.93 19.16 -11.53
N ARG B 188 -61.08 20.18 -11.43
CA ARG B 188 -59.67 20.05 -11.75
C ARG B 188 -58.83 20.93 -10.83
N VAL B 189 -57.66 20.42 -10.43
CA VAL B 189 -56.64 21.22 -9.76
C VAL B 189 -55.36 21.07 -10.57
N VAL B 190 -54.75 22.20 -10.95
CA VAL B 190 -53.60 22.18 -11.84
C VAL B 190 -52.42 22.92 -11.21
N CYS B 191 -51.23 22.36 -11.38
CA CYS B 191 -49.95 22.99 -11.08
C CYS B 191 -49.30 23.41 -12.38
N MET B 192 -48.89 24.68 -12.47
CA MET B 192 -48.28 25.17 -13.69
C MET B 192 -47.38 26.35 -13.36
N ILE B 193 -46.46 26.64 -14.28
CA ILE B 193 -45.59 27.81 -14.17
C ILE B 193 -46.33 28.99 -14.81
N GLU B 194 -46.54 30.04 -14.02
CA GLU B 194 -47.23 31.24 -14.48
C GLU B 194 -46.16 32.28 -14.83
N TRP B 195 -45.81 32.33 -16.12
CA TRP B 195 -44.84 33.28 -16.60
C TRP B 195 -45.43 34.69 -16.60
N PRO B 196 -44.58 35.73 -16.51
CA PRO B 196 -45.08 37.10 -16.70
C PRO B 196 -45.65 37.29 -18.09
N GLU B 197 -46.75 38.04 -18.16
CA GLU B 197 -47.48 38.18 -19.41
C GLU B 197 -46.72 39.10 -20.37
N HIS B 198 -46.53 38.62 -21.60
CA HIS B 198 -45.84 39.35 -22.65
C HIS B 198 -46.62 39.20 -23.94
N PRO B 199 -46.62 40.22 -24.80
CA PRO B 199 -47.30 40.08 -26.10
C PRO B 199 -46.65 39.09 -27.04
N ASN B 200 -45.39 38.70 -26.81
CA ASN B 200 -44.71 37.72 -27.64
C ASN B 200 -44.12 36.54 -26.87
N LYS B 201 -44.29 36.52 -25.53
CA LYS B 201 -43.78 35.48 -24.64
C LYS B 201 -42.26 35.32 -24.76
N ILE B 202 -41.56 36.44 -24.63
CA ILE B 202 -40.11 36.45 -24.83
C ILE B 202 -39.38 35.74 -23.69
N TYR B 203 -39.82 35.97 -22.44
CA TYR B 203 -39.08 35.50 -21.27
C TYR B 203 -39.05 33.98 -21.18
N GLU B 204 -40.22 33.34 -21.37
CA GLU B 204 -40.29 31.89 -21.34
C GLU B 204 -39.59 31.26 -22.54
N LYS B 205 -39.61 31.93 -23.70
CA LYS B 205 -38.91 31.45 -24.88
C LYS B 205 -37.40 31.44 -24.66
N VAL B 206 -36.86 32.55 -24.13
CA VAL B 206 -35.42 32.64 -23.85
C VAL B 206 -35.02 31.64 -22.78
N TYR B 207 -35.85 31.48 -21.73
CA TYR B 207 -35.55 30.52 -20.68
C TYR B 207 -35.54 29.09 -21.21
N HIS B 208 -36.50 28.74 -22.06
CA HIS B 208 -36.59 27.36 -22.55
C HIS B 208 -35.49 27.04 -23.55
N ILE B 209 -35.15 27.98 -24.44
CA ILE B 209 -34.07 27.75 -25.39
C ILE B 209 -32.72 27.69 -24.67
N CYS B 210 -32.52 28.56 -23.67
CA CYS B 210 -31.27 28.55 -22.90
C CYS B 210 -31.12 27.27 -22.09
N VAL B 211 -32.21 26.80 -21.45
CA VAL B 211 -32.11 25.58 -20.66
C VAL B 211 -31.96 24.36 -21.57
N THR B 212 -32.56 24.39 -22.77
CA THR B 212 -32.38 23.29 -23.72
C THR B 212 -30.94 23.22 -24.21
N VAL B 213 -30.33 24.38 -24.49
CA VAL B 213 -28.93 24.42 -24.90
C VAL B 213 -28.02 23.92 -23.78
N LEU B 214 -28.15 24.50 -22.58
CA LEU B 214 -27.25 24.19 -21.47
C LEU B 214 -27.45 22.79 -20.91
N ILE B 215 -28.58 22.15 -21.16
CA ILE B 215 -28.83 20.83 -20.60
C ILE B 215 -28.72 19.70 -21.63
N TYR B 216 -29.01 19.96 -22.91
CA TYR B 216 -28.79 18.94 -23.93
C TYR B 216 -27.47 19.13 -24.67
N PHE B 217 -27.26 20.31 -25.26
CA PHE B 217 -26.25 20.41 -26.32
C PHE B 217 -24.82 20.46 -25.77
N LEU B 218 -24.59 21.24 -24.73
CA LEU B 218 -23.23 21.34 -24.15
C LEU B 218 -22.73 20.04 -23.52
N PRO B 219 -23.45 19.35 -22.62
CA PRO B 219 -22.84 18.13 -22.05
C PRO B 219 -22.79 16.97 -23.02
N LEU B 220 -23.69 16.90 -24.00
CA LEU B 220 -23.59 15.86 -25.03
C LEU B 220 -22.34 16.05 -25.87
N LEU B 221 -22.02 17.29 -26.25
CA LEU B 221 -20.81 17.56 -27.01
C LEU B 221 -19.55 17.29 -26.18
N VAL B 222 -19.56 17.68 -24.90
CA VAL B 222 -18.39 17.49 -24.05
C VAL B 222 -18.13 16.00 -23.80
N ILE B 223 -19.19 15.26 -23.43
CA ILE B 223 -19.08 13.83 -23.15
C ILE B 223 -18.74 13.06 -24.43
N GLY B 224 -19.32 13.45 -25.56
CA GLY B 224 -19.01 12.79 -26.81
C GLY B 224 -17.59 13.00 -27.27
N TYR B 225 -17.07 14.23 -27.12
CA TYR B 225 -15.67 14.51 -27.48
C TYR B 225 -14.72 13.74 -26.58
N ALA B 226 -14.95 13.78 -25.26
CA ALA B 226 -14.06 13.09 -24.32
C ALA B 226 -14.10 11.58 -24.51
N TYR B 227 -15.29 11.02 -24.68
CA TYR B 227 -15.43 9.57 -24.86
C TYR B 227 -14.93 9.12 -26.22
N THR B 228 -15.01 9.98 -27.25
CA THR B 228 -14.46 9.65 -28.56
C THR B 228 -12.94 9.61 -28.52
N VAL B 229 -12.31 10.60 -27.86
CA VAL B 229 -10.86 10.61 -27.75
C VAL B 229 -10.37 9.43 -26.90
N VAL B 230 -11.07 9.14 -25.80
CA VAL B 230 -10.69 8.02 -24.94
C VAL B 230 -10.89 6.68 -25.66
N GLY B 231 -11.98 6.54 -26.41
CA GLY B 231 -12.20 5.31 -27.16
C GLY B 231 -11.21 5.11 -28.29
N ILE B 232 -10.81 6.19 -28.96
CA ILE B 232 -9.78 6.10 -30.00
C ILE B 232 -8.45 5.69 -29.39
N THR B 233 -8.11 6.25 -28.21
CA THR B 233 -6.86 5.88 -27.53
C THR B 233 -6.87 4.43 -27.05
N LEU B 234 -7.96 4.01 -26.42
CA LEU B 234 -8.02 2.68 -25.83
C LEU B 234 -8.24 1.57 -26.87
N TRP B 235 -8.89 1.89 -27.99
CA TRP B 235 -9.20 0.87 -28.98
C TRP B 235 -7.95 0.41 -29.73
N ALA B 236 -7.05 1.33 -30.02
CA ALA B 236 -5.83 1.00 -30.75
C ALA B 236 -4.84 0.26 -29.84
N GLU B 249 -6.53 -11.17 -23.64
CA GLU B 249 -5.79 -10.75 -22.45
C GLU B 249 -6.35 -9.47 -21.86
N GLN B 250 -5.71 -8.35 -22.18
CA GLN B 250 -6.12 -7.05 -21.68
C GLN B 250 -6.69 -6.13 -22.75
N VAL B 251 -6.66 -6.54 -24.02
CA VAL B 251 -7.26 -5.74 -25.08
C VAL B 251 -8.78 -5.79 -25.00
N SER B 252 -9.32 -6.94 -24.58
CA SER B 252 -10.77 -7.13 -24.53
C SER B 252 -11.44 -6.25 -23.48
N ALA B 253 -10.76 -6.01 -22.36
CA ALA B 253 -11.30 -5.11 -21.34
C ALA B 253 -11.36 -3.67 -21.84
N LYS B 254 -10.32 -3.23 -22.56
CA LYS B 254 -10.32 -1.90 -23.15
C LYS B 254 -11.40 -1.75 -24.21
N ARG B 255 -11.60 -2.78 -25.03
CA ARG B 255 -12.65 -2.74 -26.03
C ARG B 255 -14.04 -2.77 -25.40
N LYS B 256 -14.19 -3.47 -24.27
CA LYS B 256 -15.45 -3.44 -23.52
C LYS B 256 -15.71 -2.05 -22.95
N VAL B 257 -14.66 -1.36 -22.51
CA VAL B 257 -14.80 0.02 -22.03
C VAL B 257 -15.23 0.95 -23.16
N VAL B 258 -14.66 0.76 -24.36
CA VAL B 258 -15.04 1.56 -25.52
C VAL B 258 -16.50 1.31 -25.91
N LYS B 259 -16.93 0.04 -25.89
CA LYS B 259 -18.32 -0.30 -26.16
C LYS B 259 -19.26 0.30 -25.11
N MET B 260 -18.82 0.31 -23.85
CA MET B 260 -19.59 0.94 -22.77
C MET B 260 -19.78 2.42 -23.02
N MET B 261 -18.72 3.12 -23.44
CA MET B 261 -18.84 4.56 -23.67
C MET B 261 -19.70 4.87 -24.90
N ILE B 262 -19.62 4.04 -25.94
CA ILE B 262 -20.51 4.18 -27.10
C ILE B 262 -21.97 4.00 -26.69
N VAL B 263 -22.23 3.00 -25.85
CA VAL B 263 -23.58 2.76 -25.34
C VAL B 263 -24.08 3.94 -24.51
N VAL B 264 -23.21 4.50 -23.66
CA VAL B 264 -23.59 5.62 -22.80
C VAL B 264 -23.97 6.85 -23.62
N VAL B 265 -23.14 7.18 -24.63
CA VAL B 265 -23.42 8.37 -25.45
C VAL B 265 -24.69 8.18 -26.28
N CYS B 266 -24.86 6.99 -26.88
CA CYS B 266 -26.03 6.73 -27.72
C CYS B 266 -27.33 6.73 -26.90
N THR B 267 -27.31 6.08 -25.73
CA THR B 267 -28.52 6.04 -24.91
C THR B 267 -28.84 7.41 -24.30
N PHE B 268 -27.81 8.22 -24.00
CA PHE B 268 -28.06 9.58 -23.51
C PHE B 268 -28.76 10.43 -24.57
N ALA B 269 -28.24 10.39 -25.81
CA ALA B 269 -28.83 11.18 -26.89
C ALA B 269 -30.25 10.72 -27.21
N ILE B 270 -30.47 9.40 -27.28
CA ILE B 270 -31.79 8.87 -27.61
C ILE B 270 -32.79 9.14 -26.48
N CYS B 271 -32.38 8.98 -25.22
CA CYS B 271 -33.28 9.18 -24.11
C CYS B 271 -33.59 10.64 -23.83
N TRP B 272 -32.72 11.57 -24.23
CA TRP B 272 -32.98 12.97 -23.91
C TRP B 272 -33.32 13.84 -25.12
N LEU B 273 -33.44 13.26 -26.33
CA LEU B 273 -33.95 14.05 -27.44
C LEU B 273 -35.45 14.41 -27.31
N PRO B 274 -36.40 13.46 -27.15
CA PRO B 274 -37.82 13.86 -27.23
C PRO B 274 -38.31 14.65 -26.01
N PHE B 275 -37.61 14.58 -24.88
CA PHE B 275 -37.91 15.42 -23.72
C PHE B 275 -37.80 16.91 -24.08
N HIS B 276 -36.67 17.30 -24.67
CA HIS B 276 -36.48 18.68 -25.07
C HIS B 276 -37.28 19.03 -26.31
N ILE B 277 -37.55 18.05 -27.18
CA ILE B 277 -38.47 18.28 -28.31
C ILE B 277 -39.87 18.66 -27.80
N PHE B 278 -40.37 17.93 -26.82
CA PHE B 278 -41.67 18.22 -26.23
C PHE B 278 -41.68 19.56 -25.50
N PHE B 279 -40.62 19.86 -24.75
CA PHE B 279 -40.64 21.11 -24.00
C PHE B 279 -40.27 22.33 -24.83
N LEU B 280 -39.82 22.14 -26.08
CA LEU B 280 -39.74 23.26 -27.03
C LEU B 280 -40.89 23.27 -28.03
N LEU B 281 -41.71 22.21 -28.04
CA LEU B 281 -42.88 22.13 -28.92
C LEU B 281 -43.93 23.24 -28.77
N PRO B 282 -44.38 23.67 -27.58
CA PRO B 282 -45.52 24.62 -27.53
C PRO B 282 -45.24 26.01 -28.05
N TYR B 283 -44.00 26.35 -28.36
CA TYR B 283 -43.68 27.69 -28.83
C TYR B 283 -43.66 27.79 -30.35
N ILE B 284 -43.91 26.68 -31.03
CA ILE B 284 -44.12 26.69 -32.48
C ILE B 284 -45.48 26.16 -32.89
N ASN B 285 -46.15 25.35 -32.06
CA ASN B 285 -47.47 24.83 -32.36
C ASN B 285 -48.17 24.55 -31.04
N PRO B 286 -48.81 25.55 -30.44
CA PRO B 286 -49.40 25.38 -29.10
C PRO B 286 -50.76 24.70 -29.08
N ASP B 287 -51.28 24.25 -30.22
CA ASP B 287 -52.61 23.68 -30.28
C ASP B 287 -52.64 22.18 -30.09
N LEU B 288 -51.50 21.55 -29.81
CA LEU B 288 -51.44 20.09 -29.69
C LEU B 288 -51.93 19.58 -28.34
N TYR B 289 -52.15 20.47 -27.37
CA TYR B 289 -52.61 20.11 -26.04
C TYR B 289 -54.12 20.11 -25.89
N LEU B 290 -54.85 19.81 -26.95
CA LEU B 290 -56.30 19.70 -26.87
C LEU B 290 -56.79 18.26 -27.06
N LYS B 291 -55.90 17.27 -26.95
CA LYS B 291 -56.26 15.87 -27.15
C LYS B 291 -55.51 15.00 -26.15
N LYS B 292 -55.98 13.75 -26.02
CA LYS B 292 -55.37 12.75 -25.16
C LYS B 292 -54.12 12.12 -25.77
N PHE B 293 -53.88 12.35 -27.07
CA PHE B 293 -52.64 11.93 -27.68
C PHE B 293 -51.45 12.59 -27.03
N ILE B 294 -51.60 13.81 -26.53
CA ILE B 294 -50.45 14.48 -25.93
C ILE B 294 -50.16 13.96 -24.52
N GLN B 295 -51.16 13.42 -23.80
CA GLN B 295 -50.79 12.77 -22.54
C GLN B 295 -50.17 11.40 -22.79
N GLN B 296 -50.57 10.71 -23.87
CA GLN B 296 -49.86 9.48 -24.21
C GLN B 296 -48.42 9.75 -24.63
N VAL B 297 -48.20 10.83 -25.39
CA VAL B 297 -46.85 11.24 -25.77
C VAL B 297 -46.03 11.64 -24.54
N TYR B 298 -46.65 12.36 -23.60
CA TYR B 298 -45.96 12.77 -22.37
C TYR B 298 -45.57 11.57 -21.52
N LEU B 299 -46.47 10.58 -21.39
CA LEU B 299 -46.14 9.38 -20.63
C LEU B 299 -45.01 8.59 -21.29
N ALA B 300 -45.03 8.50 -22.63
CA ALA B 300 -43.98 7.78 -23.35
C ALA B 300 -42.62 8.47 -23.21
N ILE B 301 -42.58 9.79 -23.38
CA ILE B 301 -41.30 10.50 -23.29
C ILE B 301 -40.81 10.55 -21.85
N MET B 302 -41.72 10.53 -20.86
CA MET B 302 -41.26 10.57 -19.48
C MET B 302 -40.72 9.21 -19.05
N TRP B 303 -41.32 8.12 -19.54
CA TRP B 303 -40.71 6.81 -19.36
C TRP B 303 -39.34 6.73 -20.02
N LEU B 304 -39.22 7.26 -21.23
CA LEU B 304 -37.94 7.21 -21.95
C LEU B 304 -36.87 8.07 -21.27
N ALA B 305 -37.26 9.22 -20.73
CA ALA B 305 -36.29 10.09 -20.07
C ALA B 305 -35.88 9.54 -18.70
N MET B 306 -36.83 9.00 -17.94
CA MET B 306 -36.55 8.50 -16.60
C MET B 306 -36.02 7.07 -16.59
N SER B 307 -36.00 6.39 -17.75
CA SER B 307 -35.40 5.06 -17.81
C SER B 307 -33.89 5.09 -17.91
N SER B 308 -33.27 6.26 -18.08
CA SER B 308 -31.82 6.37 -18.10
C SER B 308 -31.20 6.30 -16.71
N THR B 309 -32.02 6.30 -15.66
CA THR B 309 -31.52 6.14 -14.30
C THR B 309 -31.03 4.72 -14.04
N MET B 310 -31.63 3.73 -14.70
CA MET B 310 -31.30 2.32 -14.46
C MET B 310 -29.94 1.93 -15.02
N TYR B 311 -29.35 2.76 -15.89
CA TYR B 311 -28.29 2.28 -16.78
C TYR B 311 -26.95 2.16 -16.06
N ASN B 312 -26.64 3.08 -15.16
CA ASN B 312 -25.30 3.15 -14.56
C ASN B 312 -24.99 2.08 -13.50
N PRO B 313 -25.91 1.67 -12.60
CA PRO B 313 -25.60 0.49 -11.77
C PRO B 313 -25.39 -0.79 -12.57
N ILE B 314 -26.12 -0.99 -13.67
CA ILE B 314 -25.91 -2.16 -14.52
C ILE B 314 -24.54 -2.08 -15.20
N ILE B 315 -24.12 -0.87 -15.58
CA ILE B 315 -22.80 -0.68 -16.19
C ILE B 315 -21.69 -0.97 -15.19
N TYR B 316 -21.83 -0.48 -13.95
CA TYR B 316 -20.84 -0.76 -12.92
C TYR B 316 -20.83 -2.23 -12.52
N CYS B 317 -21.99 -2.89 -12.56
CA CYS B 317 -22.04 -4.32 -12.29
C CYS B 317 -21.39 -5.12 -13.42
N CYS B 318 -21.54 -4.68 -14.67
CA CYS B 318 -20.98 -5.42 -15.79
C CYS B 318 -19.47 -5.24 -15.89
N LEU B 319 -18.97 -4.04 -15.60
CA LEU B 319 -17.55 -3.77 -15.79
C LEU B 319 -16.70 -4.32 -14.64
N ASN B 320 -16.94 -3.84 -13.43
CA ASN B 320 -16.06 -4.13 -12.30
C ASN B 320 -16.58 -5.32 -11.51
N ASP B 321 -15.67 -6.24 -11.16
CA ASP B 321 -16.04 -7.39 -10.35
C ASP B 321 -16.25 -7.03 -8.88
N ARG B 322 -15.64 -5.94 -8.39
CA ARG B 322 -15.86 -5.50 -7.03
C ARG B 322 -17.29 -5.02 -6.83
N PHE B 323 -17.85 -4.35 -7.84
CA PHE B 323 -19.26 -3.96 -7.77
C PHE B 323 -20.18 -5.17 -7.84
N ARG B 324 -19.78 -6.20 -8.58
CA ARG B 324 -20.55 -7.46 -8.59
C ARG B 324 -20.53 -8.13 -7.22
N LEU B 325 -19.37 -8.12 -6.56
CA LEU B 325 -19.27 -8.66 -5.21
C LEU B 325 -20.08 -7.83 -4.22
N GLY B 326 -20.11 -6.51 -4.40
CA GLY B 326 -20.93 -5.68 -3.55
C GLY B 326 -22.43 -5.89 -3.75
N PHE B 327 -22.84 -6.11 -5.01
CA PHE B 327 -24.24 -6.43 -5.30
C PHE B 327 -24.62 -7.79 -4.71
N LYS B 328 -23.72 -8.77 -4.75
CA LYS B 328 -24.00 -10.05 -4.13
C LYS B 328 -24.01 -9.95 -2.60
N HIS B 329 -23.17 -9.08 -2.03
CA HIS B 329 -23.13 -8.91 -0.59
C HIS B 329 -24.32 -8.14 -0.05
N ALA B 330 -24.83 -7.17 -0.82
CA ALA B 330 -25.98 -6.39 -0.38
C ALA B 330 -27.28 -7.18 -0.48
N PHE B 331 -27.35 -8.15 -1.39
CA PHE B 331 -28.55 -8.95 -1.59
C PHE B 331 -28.62 -10.17 -0.67
N ARG B 332 -27.62 -10.36 0.18
CA ARG B 332 -27.60 -11.49 1.11
C ARG B 332 -27.82 -11.02 2.55
N ARG C 1 -55.01 27.82 -17.32
CA ARG C 1 -55.66 29.13 -17.41
C ARG C 1 -56.23 29.54 -18.79
N PRO C 2 -55.56 29.29 -19.93
CA PRO C 2 -56.22 29.61 -21.21
C PRO C 2 -57.38 28.69 -21.56
N LYS C 3 -57.28 27.40 -21.24
CA LYS C 3 -58.32 26.45 -21.62
C LYS C 3 -58.49 25.42 -20.52
N PRO C 4 -59.69 24.87 -20.35
CA PRO C 4 -59.88 23.75 -19.43
C PRO C 4 -59.53 22.40 -20.03
N GLN C 5 -59.10 22.35 -21.30
CA GLN C 5 -58.68 21.13 -21.96
C GLN C 5 -57.17 21.05 -22.13
N GLN C 6 -56.44 21.99 -21.53
CA GLN C 6 -54.99 22.04 -21.63
C GLN C 6 -54.36 20.98 -20.73
N PHE C 7 -53.17 20.53 -21.10
CA PHE C 7 -52.55 19.39 -20.42
C PHE C 7 -51.70 19.78 -19.22
N PHE C 8 -50.89 20.85 -19.34
CA PHE C 8 -49.98 21.34 -18.29
C PHE C 8 -48.97 20.26 -17.85
N GLY C 9 -48.09 19.88 -18.79
CA GLY C 9 -47.02 18.97 -18.44
C GLY C 9 -45.88 19.66 -17.72
N LEU C 10 -45.20 18.90 -16.86
CA LEU C 10 -44.12 19.43 -16.04
C LEU C 10 -42.87 18.56 -16.19
N MET C 11 -41.73 19.15 -15.85
CA MET C 11 -40.45 18.43 -15.90
C MET C 11 -40.29 17.51 -14.71
N LEU D 44 33.21 -24.37 23.19
CA LEU D 44 33.03 -23.68 24.46
C LEU D 44 31.54 -23.34 24.64
N LYS D 45 30.82 -23.29 23.51
CA LYS D 45 29.38 -23.04 23.56
C LYS D 45 28.61 -24.22 24.10
N ASN D 46 29.17 -25.43 24.03
CA ASN D 46 28.54 -26.59 24.65
C ASN D 46 28.50 -26.47 26.16
N GLN D 47 29.57 -25.93 26.76
CA GLN D 47 29.57 -25.68 28.20
C GLN D 47 28.57 -24.59 28.58
N ILE D 48 28.41 -23.59 27.71
CA ILE D 48 27.44 -22.52 27.94
C ILE D 48 26.03 -23.08 27.92
N ARG D 49 25.73 -23.94 26.92
CA ARG D 49 24.42 -24.58 26.84
C ARG D 49 24.17 -25.54 28.00
N ASP D 50 25.23 -26.24 28.45
CA ASP D 50 25.10 -27.13 29.60
C ASP D 50 24.81 -26.35 30.89
N ALA D 51 25.48 -25.20 31.08
CA ALA D 51 25.20 -24.36 32.23
C ALA D 51 23.81 -23.75 32.16
N ARG D 52 23.35 -23.40 30.95
CA ARG D 52 22.01 -22.88 30.77
C ARG D 52 20.94 -23.93 31.06
N LYS D 53 21.22 -25.19 30.69
CA LYS D 53 20.30 -26.27 31.03
C LYS D 53 20.31 -26.57 32.53
N ALA D 54 21.50 -26.50 33.16
CA ALA D 54 21.60 -26.78 34.59
C ALA D 54 20.95 -25.67 35.42
N CYS D 55 20.94 -24.44 34.92
CA CYS D 55 20.28 -23.34 35.62
C CYS D 55 18.81 -23.21 35.29
N ALA D 56 18.26 -24.12 34.48
CA ALA D 56 16.84 -24.12 34.15
C ALA D 56 16.11 -25.05 35.12
N ASP D 57 15.37 -24.47 36.05
CA ASP D 57 14.62 -25.25 37.04
C ASP D 57 13.19 -25.49 36.60
N ALA D 58 12.43 -24.41 36.39
CA ALA D 58 11.03 -24.52 36.00
C ALA D 58 10.69 -23.37 35.06
N THR D 59 9.67 -23.58 34.23
CA THR D 59 9.29 -22.60 33.22
C THR D 59 8.65 -21.38 33.85
N LEU D 60 8.63 -20.28 33.09
CA LEU D 60 7.98 -19.06 33.54
C LEU D 60 6.46 -19.25 33.60
N SER D 61 5.90 -20.02 32.68
CA SER D 61 4.45 -20.26 32.67
C SER D 61 4.01 -21.15 33.82
N GLN D 62 4.92 -21.93 34.41
CA GLN D 62 4.58 -22.68 35.62
C GLN D 62 4.51 -21.76 36.83
N ILE D 63 5.40 -20.76 36.90
CA ILE D 63 5.35 -19.79 37.99
C ILE D 63 4.13 -18.88 37.88
N THR D 64 3.64 -18.63 36.66
CA THR D 64 2.43 -17.84 36.43
C THR D 64 1.27 -18.71 35.97
N ASN D 65 1.15 -19.92 36.53
CA ASN D 65 0.11 -20.85 36.10
C ASN D 65 -1.20 -20.59 36.84
N ASN D 66 -1.19 -20.62 38.17
CA ASN D 66 -2.39 -20.43 38.97
C ASN D 66 -2.57 -18.97 39.36
N ILE D 67 -2.55 -18.08 38.38
CA ILE D 67 -2.76 -16.66 38.60
C ILE D 67 -3.95 -16.21 37.74
N ASP D 68 -4.50 -15.06 38.11
CA ASP D 68 -5.68 -14.54 37.42
C ASP D 68 -5.27 -13.89 36.11
N PRO D 69 -5.86 -14.29 34.98
CA PRO D 69 -5.56 -13.62 33.71
C PRO D 69 -6.18 -12.23 33.63
N VAL D 70 -5.62 -11.44 32.71
CA VAL D 70 -6.16 -10.10 32.46
C VAL D 70 -7.53 -10.18 31.80
N GLY D 71 -7.65 -11.01 30.78
CA GLY D 71 -8.87 -11.10 30.00
C GLY D 71 -8.76 -10.33 28.70
N ARG D 72 -9.93 -10.09 28.10
CA ARG D 72 -9.99 -9.39 26.83
C ARG D 72 -9.70 -7.90 27.01
N ILE D 73 -8.80 -7.37 26.19
CA ILE D 73 -8.46 -5.96 26.20
C ILE D 73 -9.19 -5.29 25.06
N GLN D 74 -10.00 -4.28 25.38
CA GLN D 74 -10.78 -3.53 24.40
C GLN D 74 -10.21 -2.12 24.34
N MET D 75 -9.63 -1.76 23.20
CA MET D 75 -9.06 -0.44 22.98
C MET D 75 -9.55 0.10 21.64
N ARG D 76 -9.69 1.43 21.57
CA ARG D 76 -10.18 2.09 20.38
C ARG D 76 -9.38 3.35 20.14
N THR D 77 -9.46 3.86 18.91
CA THR D 77 -8.68 5.03 18.51
C THR D 77 -9.33 6.30 19.07
N ARG D 78 -8.55 7.07 19.80
CA ARG D 78 -8.99 8.38 20.30
C ARG D 78 -8.64 9.49 19.32
N ARG D 79 -7.36 9.64 19.00
CA ARG D 79 -6.88 10.66 18.07
C ARG D 79 -6.31 9.99 16.83
N THR D 80 -6.62 10.56 15.67
CA THR D 80 -6.07 10.11 14.39
C THR D 80 -5.36 11.28 13.73
N LEU D 81 -4.08 11.09 13.43
CA LEU D 81 -3.25 12.13 12.85
C LEU D 81 -3.05 11.86 11.36
N ARG D 82 -3.36 12.86 10.53
CA ARG D 82 -3.24 12.73 9.08
C ARG D 82 -2.59 14.01 8.54
N GLY D 83 -1.27 13.99 8.45
CA GLY D 83 -0.54 15.13 7.91
C GLY D 83 0.69 14.73 7.12
N HIS D 84 0.82 13.43 6.86
CA HIS D 84 1.96 12.86 6.18
C HIS D 84 1.52 12.22 4.87
N LEU D 85 2.37 12.35 3.84
CA LEU D 85 2.03 11.89 2.50
C LEU D 85 2.44 10.43 2.27
N ALA D 86 3.73 10.13 2.42
CA ALA D 86 4.21 8.78 2.22
C ALA D 86 4.07 7.99 3.53
N LYS D 87 4.61 6.76 3.51
CA LYS D 87 4.50 5.83 4.64
C LYS D 87 5.27 6.30 5.86
N ILE D 88 4.78 6.01 7.07
CA ILE D 88 5.48 6.39 8.32
C ILE D 88 6.43 5.25 8.64
N TYR D 89 7.70 5.54 8.86
CA TYR D 89 8.74 4.52 9.13
C TYR D 89 9.12 4.47 10.61
N ALA D 90 8.84 5.51 11.41
CA ALA D 90 9.35 5.53 12.78
C ALA D 90 8.69 6.67 13.55
N MET D 91 8.64 6.49 14.87
CA MET D 91 8.16 7.54 15.77
C MET D 91 8.83 7.36 17.12
N HIS D 92 8.67 8.38 17.97
CA HIS D 92 9.16 8.33 19.34
C HIS D 92 8.33 9.29 20.18
N TRP D 93 8.09 8.92 21.43
CA TRP D 93 7.31 9.75 22.35
C TRP D 93 8.23 10.68 23.12
N GLY D 94 7.66 11.81 23.56
CA GLY D 94 8.37 12.68 24.46
C GLY D 94 8.23 12.25 25.91
N THR D 95 9.16 12.73 26.73
CA THR D 95 9.10 12.44 28.16
C THR D 95 8.10 13.32 28.90
N ASP D 96 7.55 14.34 28.25
CA ASP D 96 6.46 15.12 28.82
C ASP D 96 5.10 14.49 28.56
N SER D 97 5.08 13.37 27.82
CA SER D 97 3.90 12.54 27.53
C SER D 97 2.82 13.28 26.74
N ARG D 98 3.17 14.40 26.09
CA ARG D 98 2.22 15.17 25.31
C ARG D 98 2.64 15.31 23.85
N LEU D 99 3.89 15.66 23.59
CA LEU D 99 4.40 15.85 22.24
C LEU D 99 5.14 14.61 21.78
N LEU D 100 4.97 14.25 20.51
CA LEU D 100 5.68 13.13 19.91
C LEU D 100 6.28 13.59 18.59
N VAL D 101 7.05 12.71 17.97
CA VAL D 101 7.72 13.01 16.71
C VAL D 101 7.45 11.86 15.76
N SER D 102 7.42 12.15 14.46
CA SER D 102 7.13 11.12 13.46
C SER D 102 7.92 11.38 12.19
N ALA D 103 8.37 10.30 11.55
CA ALA D 103 9.20 10.36 10.35
C ALA D 103 8.54 9.59 9.22
N SER D 104 8.49 10.23 8.04
CA SER D 104 7.88 9.62 6.87
C SER D 104 8.87 9.61 5.70
N GLN D 105 8.61 8.68 4.76
CA GLN D 105 9.48 8.50 3.59
C GLN D 105 9.38 9.61 2.57
N ASP D 106 8.42 10.53 2.70
CA ASP D 106 8.35 11.67 1.81
C ASP D 106 9.42 12.73 2.08
N GLY D 107 10.13 12.63 3.20
CA GLY D 107 11.11 13.62 3.58
C GLY D 107 10.68 14.56 4.68
N LYS D 108 9.74 14.15 5.52
CA LYS D 108 9.17 15.03 6.54
C LYS D 108 9.32 14.42 7.92
N LEU D 109 9.68 15.28 8.88
CA LEU D 109 9.75 14.95 10.30
C LEU D 109 8.82 15.92 11.03
N ILE D 110 7.68 15.43 11.49
CA ILE D 110 6.64 16.28 12.07
C ILE D 110 6.53 15.99 13.55
N ILE D 111 6.60 17.05 14.37
CA ILE D 111 6.33 16.97 15.79
C ILE D 111 4.84 17.20 16.00
N TRP D 112 4.18 16.23 16.63
CA TRP D 112 2.74 16.27 16.85
C TRP D 112 2.43 16.60 18.31
N ASP D 113 1.41 17.43 18.51
CA ASP D 113 0.76 17.56 19.80
C ASP D 113 -0.36 16.54 19.84
N SER D 114 -0.19 15.51 20.68
CA SER D 114 -1.14 14.40 20.72
C SER D 114 -2.48 14.81 21.34
N TYR D 115 -2.50 15.84 22.18
CA TYR D 115 -3.74 16.23 22.84
C TYR D 115 -4.69 16.92 21.88
N THR D 116 -4.18 17.84 21.06
CA THR D 116 -5.00 18.68 20.20
C THR D 116 -4.88 18.35 18.72
N THR D 117 -4.14 17.30 18.36
CA THR D 117 -3.86 16.88 16.97
C THR D 117 -3.29 18.03 16.13
N ASN D 118 -2.38 18.79 16.72
CA ASN D 118 -1.79 19.95 16.07
C ASN D 118 -0.30 19.73 15.84
N LYS D 119 0.22 20.34 14.77
CA LYS D 119 1.61 20.21 14.40
C LYS D 119 2.39 21.38 14.98
N VAL D 120 3.22 21.10 15.99
CA VAL D 120 4.07 22.14 16.57
C VAL D 120 5.19 22.51 15.60
N HIS D 121 5.84 21.50 15.01
CA HIS D 121 6.94 21.72 14.08
C HIS D 121 6.83 20.74 12.92
N ALA D 122 7.33 21.15 11.76
CA ALA D 122 7.45 20.28 10.60
C ALA D 122 8.78 20.59 9.93
N ILE D 123 9.62 19.59 9.77
CA ILE D 123 10.98 19.76 9.29
C ILE D 123 11.14 19.01 7.97
N PRO D 124 11.53 19.69 6.89
CA PRO D 124 11.92 18.97 5.67
C PRO D 124 13.33 18.43 5.77
N LEU D 125 13.51 17.19 5.35
CA LEU D 125 14.77 16.49 5.50
C LEU D 125 15.55 16.51 4.18
N ARG D 126 16.88 16.52 4.30
CA ARG D 126 17.73 16.54 3.11
C ARG D 126 17.70 15.20 2.38
N SER D 127 17.47 14.11 3.09
CA SER D 127 17.32 12.79 2.50
C SER D 127 15.91 12.29 2.76
N SER D 128 15.28 11.75 1.71
CA SER D 128 13.88 11.35 1.83
C SER D 128 13.72 10.06 2.64
N TRP D 129 14.75 9.23 2.70
CA TRP D 129 14.67 7.93 3.34
C TRP D 129 15.23 8.04 4.75
N VAL D 130 14.35 8.10 5.74
CA VAL D 130 14.74 8.07 7.14
C VAL D 130 14.13 6.83 7.79
N MET D 131 14.96 6.09 8.51
CA MET D 131 14.53 4.85 9.14
C MET D 131 14.26 4.99 10.62
N THR D 132 14.66 6.10 11.24
CA THR D 132 14.49 6.27 12.67
C THR D 132 14.38 7.74 13.02
N CYS D 133 13.88 8.00 14.22
CA CYS D 133 13.87 9.32 14.80
C CYS D 133 13.83 9.18 16.32
N ALA D 134 14.51 10.09 17.00
CA ALA D 134 14.54 10.12 18.45
C ALA D 134 14.28 11.54 18.93
N TYR D 135 13.57 11.66 20.05
CA TYR D 135 13.24 12.94 20.64
C TYR D 135 13.93 13.00 21.99
N ALA D 136 14.64 14.10 22.25
CA ALA D 136 15.49 14.20 23.43
C ALA D 136 14.64 14.25 24.70
N PRO D 137 15.15 13.66 25.80
CA PRO D 137 14.41 13.74 27.08
C PRO D 137 14.25 15.15 27.61
N SER D 138 15.19 16.05 27.35
CA SER D 138 15.03 17.45 27.70
C SER D 138 14.11 18.19 26.73
N GLY D 139 13.84 17.62 25.56
CA GLY D 139 12.99 18.23 24.58
C GLY D 139 13.64 19.31 23.73
N ASN D 140 14.93 19.55 23.91
CA ASN D 140 15.61 20.63 23.20
C ASN D 140 16.15 20.21 21.83
N TYR D 141 16.23 18.92 21.55
CA TYR D 141 16.83 18.44 20.31
C TYR D 141 16.00 17.29 19.75
N VAL D 142 16.17 17.06 18.45
CA VAL D 142 15.57 15.91 17.78
C VAL D 142 16.65 15.33 16.87
N ALA D 143 16.51 14.05 16.54
CA ALA D 143 17.48 13.38 15.69
C ALA D 143 16.77 12.50 14.67
N CYS D 144 17.47 12.22 13.58
CA CYS D 144 16.96 11.36 12.53
C CYS D 144 18.15 10.79 11.76
N GLY D 145 17.85 9.82 10.90
CA GLY D 145 18.88 9.22 10.06
C GLY D 145 18.24 8.15 9.20
N GLY D 146 19.01 7.68 8.22
CA GLY D 146 18.49 6.70 7.29
C GLY D 146 19.49 6.20 6.26
N LEU D 147 19.07 6.16 4.99
CA LEU D 147 19.90 5.65 3.91
C LEU D 147 21.04 6.59 3.53
N ASP D 148 21.06 7.82 4.04
CA ASP D 148 22.16 8.74 3.77
C ASP D 148 23.38 8.46 4.64
N ASN D 149 23.27 7.57 5.62
CA ASN D 149 24.32 7.17 6.56
C ASN D 149 24.82 8.32 7.41
N ILE D 150 23.97 9.34 7.63
CA ILE D 150 24.28 10.48 8.48
C ILE D 150 23.25 10.53 9.59
N CYS D 151 23.69 10.82 10.81
CA CYS D 151 22.80 11.09 11.93
C CYS D 151 22.64 12.59 12.05
N SER D 152 21.47 13.10 11.68
CA SER D 152 21.21 14.53 11.67
C SER D 152 20.49 14.92 12.95
N ILE D 153 21.04 15.89 13.68
CA ILE D 153 20.52 16.35 14.95
C ILE D 153 20.14 17.82 14.80
N TYR D 154 18.88 18.13 15.08
CA TYR D 154 18.30 19.46 14.91
C TYR D 154 17.96 20.04 16.28
N ASN D 155 18.14 21.35 16.41
CA ASN D 155 17.85 22.08 17.64
C ASN D 155 16.41 22.59 17.60
N LEU D 156 15.76 22.61 18.75
CA LEU D 156 14.38 23.08 18.85
C LEU D 156 14.28 24.27 19.81
N LYS D 157 15.19 25.24 19.67
CA LYS D 157 15.19 26.40 20.55
C LYS D 157 14.05 27.36 20.23
N VAL D 163 13.42 26.08 14.35
CA VAL D 163 14.12 24.81 14.21
C VAL D 163 15.26 24.92 13.20
N ARG D 164 16.48 24.66 13.67
CA ARG D 164 17.66 24.68 12.83
C ARG D 164 18.46 23.41 13.07
N VAL D 165 19.19 22.99 12.03
CA VAL D 165 20.04 21.81 12.14
C VAL D 165 21.24 22.16 13.01
N SER D 166 21.65 21.22 13.86
CA SER D 166 22.75 21.45 14.79
C SER D 166 23.99 20.64 14.48
N ARG D 167 23.84 19.36 14.13
CA ARG D 167 25.01 18.51 13.92
C ARG D 167 24.67 17.44 12.90
N GLU D 168 25.70 16.96 12.19
CA GLU D 168 25.59 15.86 11.24
C GLU D 168 26.71 14.87 11.53
N LEU D 169 26.40 13.81 12.27
CA LEU D 169 27.38 12.79 12.59
C LEU D 169 27.55 11.85 11.40
N ALA D 170 28.79 11.77 10.90
CA ALA D 170 29.12 11.02 9.68
C ALA D 170 30.30 10.09 9.95
N GLY D 171 30.02 8.90 10.45
CA GLY D 171 31.07 7.90 10.63
C GLY D 171 30.66 6.48 10.28
N HIS D 172 29.37 6.28 10.00
CA HIS D 172 28.85 4.95 9.72
C HIS D 172 29.00 4.61 8.25
N THR D 173 28.91 3.32 7.95
CA THR D 173 29.03 2.79 6.59
C THR D 173 27.70 2.32 6.02
N GLY D 174 26.95 1.50 6.77
CA GLY D 174 25.65 1.03 6.33
C GLY D 174 24.53 1.96 6.77
N TYR D 175 23.31 1.58 6.40
CA TYR D 175 22.13 2.39 6.67
C TYR D 175 21.85 2.48 8.16
N LEU D 176 21.58 3.70 8.62
CA LEU D 176 21.41 3.95 10.05
C LEU D 176 19.99 3.55 10.44
N SER D 177 19.89 2.58 11.35
CA SER D 177 18.60 1.93 11.62
C SER D 177 17.92 2.43 12.88
N CYS D 178 18.66 2.81 13.91
CA CYS D 178 18.04 3.30 15.14
C CYS D 178 19.02 4.25 15.84
N CYS D 179 18.45 5.15 16.63
CA CYS D 179 19.22 6.07 17.44
C CYS D 179 18.41 6.46 18.66
N ARG D 180 19.08 6.61 19.80
CA ARG D 180 18.43 6.99 21.05
C ARG D 180 19.33 7.93 21.83
N PHE D 181 18.75 8.98 22.40
CA PHE D 181 19.51 9.94 23.19
C PHE D 181 19.81 9.40 24.58
N LEU D 182 21.01 9.71 25.07
CA LEU D 182 21.35 9.56 26.48
C LEU D 182 21.23 10.87 27.24
N ASP D 183 21.81 11.93 26.68
CA ASP D 183 21.76 13.27 27.25
C ASP D 183 21.66 14.21 26.05
N ASP D 184 21.83 15.51 26.26
CA ASP D 184 21.93 16.45 25.14
C ASP D 184 23.30 16.43 24.48
N ASN D 185 24.28 15.71 25.06
CA ASN D 185 25.64 15.69 24.54
C ASN D 185 26.08 14.33 24.03
N GLN D 186 25.35 13.26 24.33
CA GLN D 186 25.73 11.91 23.92
C GLN D 186 24.54 11.22 23.26
N ILE D 187 24.84 10.38 22.27
CA ILE D 187 23.79 9.65 21.56
C ILE D 187 24.32 8.28 21.15
N VAL D 188 23.44 7.28 21.20
CA VAL D 188 23.76 5.91 20.83
C VAL D 188 23.04 5.60 19.52
N THR D 189 23.80 5.29 18.47
CA THR D 189 23.25 4.97 17.17
C THR D 189 23.65 3.56 16.76
N SER D 190 22.89 2.99 15.84
CA SER D 190 23.22 1.69 15.25
C SER D 190 23.00 1.75 13.75
N SER D 191 23.84 1.05 13.00
CA SER D 191 23.74 1.11 11.55
C SER D 191 23.72 -0.30 10.97
N GLY D 192 23.52 -0.37 9.66
CA GLY D 192 23.43 -1.60 8.92
C GLY D 192 24.74 -2.25 8.54
N ASP D 193 25.87 -1.66 8.93
CA ASP D 193 27.18 -2.27 8.72
C ASP D 193 27.64 -3.10 9.91
N THR D 194 26.69 -3.71 10.63
CA THR D 194 26.91 -4.57 11.80
C THR D 194 27.63 -3.84 12.93
N THR D 195 27.38 -2.54 13.10
CA THR D 195 28.03 -1.75 14.13
C THR D 195 27.03 -0.89 14.88
N CYS D 196 27.38 -0.57 16.12
CA CYS D 196 26.75 0.48 16.90
C CYS D 196 27.83 1.44 17.36
N ALA D 197 27.43 2.63 17.78
CA ALA D 197 28.41 3.62 18.21
C ALA D 197 27.79 4.60 19.20
N LEU D 198 28.55 4.95 20.21
CA LEU D 198 28.24 6.06 21.11
C LEU D 198 29.03 7.28 20.67
N TRP D 199 28.30 8.38 20.46
CA TRP D 199 28.82 9.62 19.88
C TRP D 199 28.68 10.76 20.88
N ASP D 200 29.66 11.66 20.84
CA ASP D 200 29.57 12.95 21.52
C ASP D 200 29.06 13.95 20.48
N ILE D 201 27.98 14.66 20.83
CA ILE D 201 27.36 15.58 19.89
C ILE D 201 28.17 16.86 19.73
N GLU D 202 28.95 17.24 20.76
CA GLU D 202 29.67 18.51 20.74
C GLU D 202 30.82 18.48 19.72
N THR D 203 31.75 17.54 19.87
CA THR D 203 32.85 17.43 18.94
C THR D 203 32.47 16.73 17.64
N GLY D 204 31.32 16.06 17.61
CA GLY D 204 30.89 15.33 16.42
C GLY D 204 31.76 14.13 16.08
N GLN D 205 32.28 13.45 17.10
CA GLN D 205 33.15 12.30 16.91
C GLN D 205 32.59 11.10 17.67
N GLN D 206 32.92 9.91 17.17
CA GLN D 206 32.54 8.68 17.87
C GLN D 206 33.33 8.55 19.16
N THR D 207 32.62 8.32 20.26
CA THR D 207 33.29 8.05 21.52
C THR D 207 33.66 6.57 21.65
N THR D 208 32.68 5.68 21.49
CA THR D 208 32.95 4.24 21.51
C THR D 208 32.25 3.56 20.34
N THR D 209 32.78 2.40 19.97
CA THR D 209 32.24 1.61 18.87
C THR D 209 31.97 0.19 19.36
N PHE D 210 30.82 -0.36 19.00
CA PHE D 210 30.38 -1.69 19.42
C PHE D 210 30.28 -2.56 18.17
N THR D 211 31.23 -3.49 18.02
CA THR D 211 31.34 -4.35 16.84
C THR D 211 31.33 -5.81 17.31
N GLY D 212 30.14 -6.40 17.44
CA GLY D 212 30.05 -7.80 17.78
C GLY D 212 29.04 -8.58 16.97
N HIS D 213 28.19 -7.89 16.22
CA HIS D 213 27.13 -8.52 15.45
C HIS D 213 27.66 -8.99 14.10
N THR D 214 27.15 -10.13 13.64
CA THR D 214 27.45 -10.64 12.30
C THR D 214 26.33 -10.35 11.31
N GLY D 215 25.26 -9.68 11.75
CA GLY D 215 24.21 -9.25 10.84
C GLY D 215 23.93 -7.77 11.04
N ASP D 216 23.15 -7.21 10.12
CA ASP D 216 22.83 -5.80 10.16
C ASP D 216 21.94 -5.49 11.35
N VAL D 217 22.32 -4.47 12.13
CA VAL D 217 21.64 -4.18 13.38
C VAL D 217 20.34 -3.44 13.08
N MET D 218 19.23 -3.97 13.57
CA MET D 218 17.90 -3.44 13.28
C MET D 218 17.37 -2.50 14.36
N SER D 219 17.58 -2.82 15.64
CA SER D 219 17.00 -2.00 16.68
C SER D 219 17.91 -1.98 17.90
N LEU D 220 17.73 -0.94 18.72
CA LEU D 220 18.40 -0.86 20.01
C LEU D 220 17.41 -0.34 21.04
N SER D 221 17.66 -0.70 22.30
CA SER D 221 16.88 -0.21 23.41
C SER D 221 17.81 0.17 24.55
N LEU D 222 17.50 1.28 25.21
CA LEU D 222 18.32 1.82 26.28
C LEU D 222 17.72 1.46 27.65
N ALA D 223 18.60 1.13 28.59
CA ALA D 223 18.17 0.85 29.95
C ALA D 223 17.76 2.14 30.65
N PRO D 224 16.84 2.06 31.62
CA PRO D 224 16.48 3.28 32.39
C PRO D 224 17.61 3.83 33.24
N ASP D 225 18.61 3.04 33.58
CA ASP D 225 19.76 3.51 34.36
C ASP D 225 20.86 4.09 33.50
N THR D 226 20.74 4.00 32.17
CA THR D 226 21.68 4.54 31.17
C THR D 226 23.10 3.99 31.34
N ARG D 227 23.23 2.74 31.79
CA ARG D 227 24.52 2.09 31.93
C ARG D 227 24.68 0.89 31.02
N LEU D 228 23.60 0.40 30.42
CA LEU D 228 23.64 -0.73 29.50
C LEU D 228 22.66 -0.45 28.37
N PHE D 229 22.81 -1.16 27.26
CA PHE D 229 21.79 -1.16 26.23
C PHE D 229 21.80 -2.50 25.50
N VAL D 230 20.71 -2.77 24.78
CA VAL D 230 20.59 -4.00 24.02
C VAL D 230 20.40 -3.67 22.54
N SER D 231 20.88 -4.56 21.69
CA SER D 231 20.77 -4.40 20.25
C SER D 231 20.28 -5.72 19.64
N GLY D 232 19.31 -5.60 18.74
CA GLY D 232 18.80 -6.73 17.97
C GLY D 232 19.13 -6.54 16.50
N ALA D 233 19.60 -7.62 15.87
CA ALA D 233 20.21 -7.54 14.55
C ALA D 233 19.66 -8.66 13.67
N CYS D 234 20.27 -8.82 12.49
CA CYS D 234 19.82 -9.75 11.47
C CYS D 234 20.61 -11.06 11.46
N ASP D 235 21.11 -11.50 12.61
CA ASP D 235 21.73 -12.81 12.73
C ASP D 235 21.01 -13.69 13.76
N ALA D 236 19.71 -13.41 13.99
CA ALA D 236 18.86 -14.10 14.97
C ALA D 236 19.46 -14.07 16.37
N SER D 237 20.03 -12.92 16.75
CA SER D 237 20.68 -12.79 18.04
C SER D 237 20.54 -11.37 18.54
N ALA D 238 20.59 -11.21 19.86
CA ALA D 238 20.59 -9.92 20.51
C ALA D 238 21.77 -9.86 21.47
N LYS D 239 22.31 -8.66 21.64
CA LYS D 239 23.53 -8.46 22.42
C LYS D 239 23.36 -7.32 23.41
N LEU D 240 23.95 -7.50 24.59
CA LEU D 240 23.95 -6.50 25.65
C LEU D 240 25.32 -5.82 25.71
N TRP D 241 25.32 -4.49 25.72
CA TRP D 241 26.54 -3.71 25.66
C TRP D 241 26.60 -2.75 26.84
N ASP D 242 27.82 -2.53 27.32
CA ASP D 242 28.09 -1.58 28.41
C ASP D 242 28.49 -0.25 27.79
N VAL D 243 27.81 0.82 28.22
CA VAL D 243 28.06 2.15 27.68
C VAL D 243 29.42 2.66 28.15
N ARG D 244 29.71 2.51 29.45
CA ARG D 244 30.94 3.07 30.02
C ARG D 244 32.17 2.28 29.59
N GLU D 245 32.09 0.95 29.63
CA GLU D 245 33.23 0.13 29.23
C GLU D 245 33.41 0.11 27.72
N GLY D 246 32.41 -0.38 26.99
CA GLY D 246 32.48 -0.43 25.55
C GLY D 246 32.66 -1.83 25.01
N MET D 247 32.24 -2.83 25.79
CA MET D 247 32.39 -4.23 25.41
C MET D 247 31.08 -4.97 25.61
N CYS D 248 30.89 -6.02 24.82
CA CYS D 248 29.68 -6.83 24.92
C CYS D 248 29.71 -7.66 26.20
N ARG D 249 28.54 -7.83 26.82
CA ARG D 249 28.42 -8.61 28.04
C ARG D 249 27.91 -10.02 27.77
N GLN D 250 26.75 -10.14 27.13
CA GLN D 250 26.09 -11.44 27.00
C GLN D 250 25.41 -11.50 25.64
N THR D 251 25.21 -12.71 25.13
CA THR D 251 24.64 -12.94 23.81
C THR D 251 23.50 -13.94 23.94
N PHE D 252 22.35 -13.60 23.35
CA PHE D 252 21.13 -14.39 23.46
C PHE D 252 20.76 -14.88 22.07
N THR D 253 20.63 -16.20 21.92
CA THR D 253 20.34 -16.84 20.63
C THR D 253 19.15 -17.78 20.81
N GLY D 254 17.95 -17.25 20.59
CA GLY D 254 16.74 -18.06 20.71
C GLY D 254 15.83 -18.00 19.51
N HIS D 255 16.00 -17.00 18.65
CA HIS D 255 15.13 -16.82 17.50
C HIS D 255 15.58 -17.70 16.33
N GLU D 256 14.88 -17.55 15.20
CA GLU D 256 15.19 -18.30 14.00
C GLU D 256 15.35 -17.44 12.75
N SER D 257 15.05 -16.15 12.82
CA SER D 257 15.14 -15.27 11.65
C SER D 257 15.55 -13.89 12.13
N ASP D 258 15.36 -12.88 11.28
CA ASP D 258 15.89 -11.55 11.54
C ASP D 258 15.06 -10.85 12.60
N ILE D 259 15.71 -10.41 13.68
CA ILE D 259 15.06 -9.70 14.77
C ILE D 259 14.91 -8.24 14.37
N ASN D 260 13.68 -7.72 14.42
CA ASN D 260 13.39 -6.38 13.94
C ASN D 260 13.24 -5.33 15.03
N ALA D 261 12.85 -5.73 16.25
CA ALA D 261 12.61 -4.76 17.31
C ALA D 261 13.05 -5.33 18.65
N ILE D 262 13.31 -4.42 19.59
CA ILE D 262 13.75 -4.78 20.93
C ILE D 262 13.31 -3.67 21.89
N CYS D 263 13.07 -4.05 23.15
CA CYS D 263 12.59 -3.12 24.17
C CYS D 263 12.84 -3.73 25.54
N PHE D 264 13.39 -2.94 26.46
CA PHE D 264 13.56 -3.39 27.84
C PHE D 264 12.24 -3.54 28.57
N PHE D 265 12.22 -4.46 29.53
CA PHE D 265 11.19 -4.49 30.54
C PHE D 265 11.41 -3.30 31.47
N PRO D 266 10.35 -2.76 32.10
CA PRO D 266 10.52 -1.56 32.94
C PRO D 266 11.44 -1.69 34.15
N ASN D 267 11.77 -2.91 34.61
CA ASN D 267 12.70 -3.03 35.72
C ASN D 267 14.15 -3.08 35.27
N GLY D 268 14.41 -3.18 33.98
CA GLY D 268 15.76 -3.22 33.45
C GLY D 268 16.44 -4.57 33.49
N ASN D 269 15.73 -5.64 33.87
CA ASN D 269 16.31 -6.97 34.00
C ASN D 269 15.79 -7.94 32.95
N ALA D 270 15.01 -7.47 31.98
CA ALA D 270 14.45 -8.35 30.96
C ALA D 270 14.18 -7.54 29.70
N PHE D 271 13.97 -8.25 28.59
CA PHE D 271 13.64 -7.60 27.33
C PHE D 271 12.79 -8.55 26.48
N ALA D 272 12.22 -8.01 25.41
CA ALA D 272 11.44 -8.78 24.45
C ALA D 272 11.91 -8.48 23.04
N THR D 273 11.86 -9.50 22.19
CA THR D 273 12.34 -9.43 20.82
C THR D 273 11.27 -9.97 19.88
N GLY D 274 11.00 -9.24 18.81
CA GLY D 274 10.11 -9.69 17.75
C GLY D 274 10.92 -9.89 16.47
N SER D 275 10.56 -10.93 15.71
CA SER D 275 11.35 -11.31 14.55
C SER D 275 10.41 -11.76 13.43
N ASP D 276 11.00 -12.25 12.35
CA ASP D 276 10.28 -12.64 11.15
C ASP D 276 9.76 -14.08 11.18
N ASP D 277 10.02 -14.81 12.27
CA ASP D 277 9.52 -16.17 12.43
C ASP D 277 8.14 -16.22 13.08
N ALA D 278 7.43 -15.08 13.11
CA ALA D 278 6.08 -14.90 13.64
C ALA D 278 5.96 -15.22 15.13
N THR D 279 7.08 -15.19 15.87
CA THR D 279 7.09 -15.41 17.30
C THR D 279 7.80 -14.27 18.00
N CYS D 280 7.29 -13.88 19.16
CA CYS D 280 7.99 -12.99 20.06
C CYS D 280 8.65 -13.81 21.17
N ARG D 281 9.71 -13.25 21.76
CA ARG D 281 10.40 -13.96 22.82
C ARG D 281 10.82 -13.00 23.92
N LEU D 282 10.65 -13.44 25.17
CA LEU D 282 11.01 -12.66 26.34
C LEU D 282 12.22 -13.32 26.99
N PHE D 283 13.30 -12.54 27.12
CA PHE D 283 14.57 -12.97 27.68
C PHE D 283 14.85 -12.23 28.98
N ASP D 284 15.61 -12.85 29.87
CA ASP D 284 16.07 -12.23 31.11
C ASP D 284 17.59 -12.16 31.12
N LEU D 285 18.12 -11.08 31.69
CA LEU D 285 19.56 -10.88 31.73
C LEU D 285 20.25 -11.77 32.75
N ARG D 286 19.55 -12.21 33.79
CA ARG D 286 20.13 -13.02 34.85
C ARG D 286 19.96 -14.51 34.62
N ALA D 287 18.83 -14.94 34.08
CA ALA D 287 18.56 -16.36 33.88
C ALA D 287 19.28 -16.95 32.67
N ASP D 288 19.79 -16.10 31.77
CA ASP D 288 20.56 -16.49 30.58
C ASP D 288 19.77 -17.41 29.65
N GLN D 289 18.46 -17.23 29.56
CA GLN D 289 17.63 -18.09 28.74
C GLN D 289 16.38 -17.33 28.35
N GLU D 290 15.67 -17.86 27.35
CA GLU D 290 14.40 -17.28 26.94
C GLU D 290 13.33 -17.63 27.96
N LEU D 291 12.77 -16.61 28.61
CA LEU D 291 11.72 -16.84 29.59
C LEU D 291 10.42 -17.24 28.93
N MET D 292 10.03 -16.56 27.86
CA MET D 292 8.73 -16.77 27.27
C MET D 292 8.79 -16.77 25.76
N THR D 293 7.83 -17.45 25.13
CA THR D 293 7.67 -17.48 23.68
C THR D 293 6.21 -17.25 23.35
N TYR D 294 5.92 -16.14 22.68
CA TYR D 294 4.56 -15.75 22.31
C TYR D 294 4.38 -16.08 20.84
N SER D 295 3.63 -17.14 20.56
CA SER D 295 3.45 -17.64 19.21
C SER D 295 1.98 -18.01 18.99
N HIS D 296 1.66 -18.31 17.74
CA HIS D 296 0.30 -18.72 17.37
C HIS D 296 0.38 -19.62 16.14
N ASP D 297 -0.67 -20.42 15.96
CA ASP D 297 -0.74 -21.35 14.85
C ASP D 297 -1.33 -20.73 13.59
N ASN D 298 -1.75 -19.46 13.64
CA ASN D 298 -2.35 -18.80 12.50
C ASN D 298 -1.60 -17.55 12.05
N ILE D 299 -0.50 -17.20 12.71
CA ILE D 299 0.30 -16.04 12.33
C ILE D 299 1.47 -16.53 11.51
N ILE D 300 1.63 -16.00 10.30
CA ILE D 300 2.68 -16.44 9.40
C ILE D 300 3.42 -15.22 8.84
N CYS D 301 3.22 -14.07 9.47
CA CYS D 301 3.82 -12.81 9.03
C CYS D 301 4.88 -12.36 10.02
N GLY D 302 5.68 -11.38 9.59
CA GLY D 302 6.75 -10.86 10.41
C GLY D 302 6.25 -9.93 11.51
N ILE D 303 7.20 -9.51 12.36
CA ILE D 303 6.94 -8.60 13.46
C ILE D 303 7.79 -7.37 13.26
N THR D 304 7.18 -6.20 13.29
CA THR D 304 7.87 -4.96 12.99
C THR D 304 8.23 -4.13 14.22
N SER D 305 7.40 -4.15 15.25
CA SER D 305 7.64 -3.32 16.43
C SER D 305 7.08 -3.99 17.67
N VAL D 306 7.83 -3.91 18.77
CA VAL D 306 7.36 -4.34 20.08
C VAL D 306 7.64 -3.22 21.08
N SER D 307 6.82 -3.18 22.13
CA SER D 307 6.98 -2.19 23.20
C SER D 307 6.27 -2.70 24.45
N PHE D 308 6.72 -2.21 25.59
CA PHE D 308 6.19 -2.61 26.89
C PHE D 308 5.32 -1.50 27.49
N SER D 309 4.45 -1.91 28.41
CA SER D 309 3.57 -0.98 29.11
C SER D 309 4.27 -0.44 30.35
N LYS D 310 3.51 0.26 31.20
CA LYS D 310 4.08 0.86 32.40
C LYS D 310 4.43 -0.20 33.44
N SER D 311 3.57 -1.19 33.63
CA SER D 311 3.82 -2.27 34.57
C SER D 311 4.53 -3.46 33.95
N GLY D 312 4.65 -3.49 32.62
CA GLY D 312 5.22 -4.64 31.95
C GLY D 312 4.29 -5.82 31.80
N ARG D 313 3.00 -5.65 32.10
CA ARG D 313 2.06 -6.75 31.98
C ARG D 313 1.72 -7.06 30.52
N LEU D 314 1.55 -6.01 29.70
CA LEU D 314 1.14 -6.16 28.33
C LEU D 314 2.31 -5.90 27.40
N LEU D 315 2.52 -6.80 26.44
CA LEU D 315 3.49 -6.64 25.37
C LEU D 315 2.72 -6.26 24.10
N LEU D 316 3.10 -5.14 23.49
CA LEU D 316 2.36 -4.58 22.36
C LEU D 316 3.16 -4.82 21.09
N ALA D 317 2.72 -5.79 20.28
CA ALA D 317 3.48 -6.26 19.14
C ALA D 317 2.80 -5.86 17.83
N GLY D 318 3.53 -5.15 16.98
CA GLY D 318 3.03 -4.81 15.66
C GLY D 318 3.45 -5.84 14.62
N TYR D 319 2.49 -6.20 13.76
CA TYR D 319 2.66 -7.28 12.79
C TYR D 319 2.53 -6.76 11.36
N ASP D 320 2.78 -7.66 10.43
CA ASP D 320 2.63 -7.40 9.00
C ASP D 320 1.25 -7.81 8.48
N ASP D 321 0.36 -8.27 9.35
CA ASP D 321 -1.00 -8.65 8.99
C ASP D 321 -1.99 -7.51 9.20
N PHE D 322 -1.55 -6.27 9.04
CA PHE D 322 -2.32 -5.02 9.12
C PHE D 322 -2.89 -4.76 10.50
N ASN D 323 -2.35 -5.38 11.55
CA ASN D 323 -2.93 -5.24 12.87
C ASN D 323 -1.85 -5.46 13.93
N CYS D 324 -2.14 -4.99 15.14
CA CYS D 324 -1.28 -5.17 16.30
C CYS D 324 -1.96 -6.08 17.32
N ASN D 325 -1.15 -6.77 18.11
CA ASN D 325 -1.66 -7.62 19.18
C ASN D 325 -1.16 -7.12 20.53
N VAL D 326 -1.95 -7.42 21.55
CA VAL D 326 -1.66 -7.10 22.94
C VAL D 326 -1.55 -8.44 23.65
N TRP D 327 -0.33 -8.89 23.89
CA TRP D 327 -0.05 -10.14 24.57
C TRP D 327 0.10 -9.91 26.06
N ASP D 328 -0.14 -10.96 26.84
CA ASP D 328 0.18 -10.96 28.25
C ASP D 328 1.60 -11.47 28.43
N ALA D 329 2.43 -10.70 29.13
CA ALA D 329 3.84 -11.05 29.27
C ALA D 329 4.04 -12.23 30.20
N LEU D 330 3.17 -12.41 31.18
CA LEU D 330 3.30 -13.50 32.13
C LEU D 330 2.57 -14.76 31.69
N LYS D 331 1.32 -14.63 31.22
CA LYS D 331 0.52 -15.79 30.85
C LYS D 331 0.85 -16.32 29.47
N ALA D 332 1.57 -15.53 28.66
CA ALA D 332 1.92 -15.85 27.25
C ALA D 332 0.68 -16.15 26.41
N ASP D 333 -0.36 -15.35 26.60
CA ASP D 333 -1.61 -15.49 25.86
C ASP D 333 -2.02 -14.14 25.30
N ARG D 334 -2.54 -14.15 24.08
CA ARG D 334 -2.97 -12.92 23.42
C ARG D 334 -4.24 -12.39 24.08
N ALA D 335 -4.26 -11.10 24.39
CA ALA D 335 -5.35 -10.49 25.13
C ALA D 335 -6.02 -9.32 24.43
N GLY D 336 -5.45 -8.79 23.36
CA GLY D 336 -6.08 -7.69 22.64
C GLY D 336 -5.69 -7.68 21.18
N VAL D 337 -6.59 -7.16 20.35
CA VAL D 337 -6.35 -7.02 18.92
C VAL D 337 -6.69 -5.59 18.53
N LEU D 338 -5.72 -4.88 17.94
CA LEU D 338 -5.91 -3.51 17.46
C LEU D 338 -5.80 -3.53 15.94
N ALA D 339 -6.93 -3.38 15.26
CA ALA D 339 -6.99 -3.44 13.80
C ALA D 339 -7.64 -2.16 13.28
N GLY D 340 -6.79 -1.21 12.86
CA GLY D 340 -7.29 0.02 12.30
C GLY D 340 -6.44 0.57 11.17
N HIS D 341 -5.47 -0.22 10.71
CA HIS D 341 -4.54 0.21 9.68
C HIS D 341 -4.73 -0.64 8.42
N ASP D 342 -4.76 0.03 7.27
CA ASP D 342 -4.97 -0.64 5.99
C ASP D 342 -3.68 -1.10 5.34
N ASN D 343 -2.53 -0.80 5.93
CA ASN D 343 -1.24 -1.23 5.41
C ASN D 343 -0.41 -1.75 6.58
N ARG D 344 0.88 -2.01 6.32
CA ARG D 344 1.72 -2.66 7.31
C ARG D 344 2.06 -1.68 8.43
N VAL D 345 1.87 -2.11 9.68
CA VAL D 345 2.18 -1.29 10.84
C VAL D 345 3.70 -1.26 10.99
N SER D 346 4.29 -0.09 10.79
CA SER D 346 5.74 0.03 10.78
C SER D 346 6.31 0.35 12.16
N CYS D 347 5.62 1.16 12.96
CA CYS D 347 6.18 1.66 14.21
C CYS D 347 5.11 1.72 15.29
N LEU D 348 5.56 1.63 16.55
CA LEU D 348 4.65 1.59 17.69
C LEU D 348 5.41 2.14 18.89
N GLY D 349 4.70 2.91 19.71
CA GLY D 349 5.31 3.53 20.88
C GLY D 349 4.30 3.69 22.00
N VAL D 350 4.81 3.76 23.23
CA VAL D 350 4.00 3.84 24.44
C VAL D 350 4.31 5.15 25.14
N THR D 351 3.24 5.83 25.57
CA THR D 351 3.36 7.03 26.39
C THR D 351 4.07 6.71 27.70
N ASP D 352 4.94 7.62 28.15
CA ASP D 352 5.89 7.35 29.23
C ASP D 352 5.21 7.03 30.56
N ASP D 353 4.06 7.63 30.84
CA ASP D 353 3.29 7.27 32.02
C ASP D 353 2.09 6.38 31.69
N GLY D 354 2.07 5.81 30.48
CA GLY D 354 1.12 4.76 30.15
C GLY D 354 -0.30 5.20 29.85
N MET D 355 -0.48 6.45 29.44
CA MET D 355 -1.82 6.94 29.12
C MET D 355 -2.26 6.67 27.70
N ALA D 356 -1.35 6.30 26.80
CA ALA D 356 -1.71 6.13 25.40
C ALA D 356 -0.72 5.20 24.71
N VAL D 357 -1.14 4.65 23.58
CA VAL D 357 -0.28 3.86 22.70
C VAL D 357 -0.44 4.40 21.29
N ALA D 358 0.63 4.89 20.70
CA ALA D 358 0.56 5.50 19.38
C ALA D 358 1.27 4.61 18.36
N THR D 359 0.54 4.24 17.30
CA THR D 359 1.06 3.40 16.24
C THR D 359 1.07 4.17 14.93
N GLY D 360 2.01 3.80 14.07
CA GLY D 360 2.09 4.35 12.73
C GLY D 360 2.32 3.26 11.72
N SER D 361 1.65 3.34 10.58
CA SER D 361 1.65 2.28 9.59
C SER D 361 2.09 2.82 8.24
N TRP D 362 2.03 1.95 7.23
CA TRP D 362 2.37 2.33 5.88
C TRP D 362 1.21 2.98 5.12
N ASP D 363 0.07 3.15 5.78
CA ASP D 363 -1.07 3.87 5.22
C ASP D 363 -1.03 5.36 5.55
N SER D 364 0.14 5.89 5.92
CA SER D 364 0.43 7.31 6.15
C SER D 364 -0.39 7.91 7.30
N PHE D 365 -0.89 7.08 8.22
CA PHE D 365 -1.74 7.55 9.30
C PHE D 365 -1.17 7.14 10.65
N LEU D 366 -1.22 8.05 11.61
CA LEU D 366 -0.85 7.78 12.99
C LEU D 366 -2.12 7.66 13.82
N LYS D 367 -2.20 6.63 14.65
CA LYS D 367 -3.39 6.39 15.46
C LYS D 367 -3.00 6.23 16.92
N ILE D 368 -3.67 6.97 17.79
CA ILE D 368 -3.45 6.94 19.23
C ILE D 368 -4.59 6.16 19.87
N TRP D 369 -4.25 5.20 20.73
CA TRP D 369 -5.20 4.28 21.33
C TRP D 369 -5.15 4.42 22.84
N ASN D 370 -6.31 4.29 23.47
CA ASN D 370 -6.44 4.37 24.92
C ASN D 370 -7.46 3.36 25.44
N ARG E 13 39.27 -16.26 15.96
CA ARG E 13 39.76 -16.59 17.29
C ARG E 13 39.25 -15.57 18.32
N LYS E 14 38.82 -14.41 17.82
CA LYS E 14 38.24 -13.40 18.72
C LYS E 14 36.87 -13.83 19.23
N LEU E 15 36.14 -14.64 18.45
CA LEU E 15 34.85 -15.16 18.89
C LEU E 15 35.01 -16.14 20.05
N VAL E 16 36.11 -16.92 20.04
CA VAL E 16 36.38 -17.84 21.14
C VAL E 16 36.70 -17.05 22.42
N GLU E 17 37.44 -15.95 22.29
CA GLU E 17 37.73 -15.10 23.45
C GLU E 17 36.47 -14.42 23.97
N GLN E 18 35.58 -13.99 23.06
CA GLN E 18 34.31 -13.42 23.47
C GLN E 18 33.43 -14.44 24.18
N LEU E 19 33.40 -15.68 23.67
CA LEU E 19 32.63 -16.75 24.31
C LEU E 19 33.19 -17.09 25.69
N LYS E 20 34.53 -17.08 25.82
CA LYS E 20 35.14 -17.33 27.13
C LYS E 20 34.90 -16.18 28.10
N MET E 21 34.82 -14.95 27.59
CA MET E 21 34.50 -13.81 28.46
C MET E 21 33.04 -13.85 28.91
N GLU E 22 32.13 -14.24 28.01
CA GLU E 22 30.71 -14.28 28.35
C GLU E 22 30.30 -15.55 29.08
N ALA E 23 31.14 -16.59 29.10
CA ALA E 23 30.77 -17.84 29.76
C ALA E 23 30.89 -17.73 31.27
N ASN E 24 31.90 -17.01 31.77
CA ASN E 24 32.15 -16.92 33.20
C ASN E 24 31.33 -15.79 33.80
N ILE E 25 30.02 -16.01 33.86
CA ILE E 25 29.08 -15.07 34.47
C ILE E 25 28.24 -15.84 35.50
N ASP E 26 27.64 -15.08 36.41
CA ASP E 26 26.79 -15.65 37.45
C ASP E 26 25.39 -15.87 36.89
N ARG E 27 25.02 -17.13 36.70
CA ARG E 27 23.73 -17.49 36.13
C ARG E 27 22.80 -17.94 37.25
N ILE E 28 21.87 -17.07 37.61
CA ILE E 28 20.86 -17.37 38.62
C ILE E 28 19.78 -18.23 37.96
N LYS E 29 19.12 -19.07 38.77
CA LYS E 29 18.08 -19.96 38.28
C LYS E 29 16.88 -19.18 37.74
N VAL E 30 16.22 -19.79 36.76
CA VAL E 30 15.15 -19.13 36.02
C VAL E 30 13.89 -18.92 36.87
N SER E 31 13.69 -19.75 37.90
CA SER E 31 12.52 -19.60 38.76
C SER E 31 12.60 -18.33 39.61
N LYS E 32 13.80 -17.98 40.09
CA LYS E 32 13.97 -16.74 40.84
C LYS E 32 13.76 -15.51 39.96
N ALA E 33 14.24 -15.56 38.72
CA ALA E 33 14.03 -14.45 37.79
C ALA E 33 12.56 -14.31 37.42
N ALA E 34 11.86 -15.44 37.25
CA ALA E 34 10.43 -15.40 36.98
C ALA E 34 9.65 -14.84 38.16
N ALA E 35 10.05 -15.21 39.38
CA ALA E 35 9.41 -14.68 40.59
C ALA E 35 9.64 -13.19 40.73
N ASP E 36 10.85 -12.72 40.42
CA ASP E 36 11.14 -11.28 40.50
C ASP E 36 10.37 -10.51 39.43
N LEU E 37 10.26 -11.07 38.22
CA LEU E 37 9.49 -10.45 37.15
C LEU E 37 8.01 -10.35 37.51
N MET E 38 7.44 -11.44 38.06
CA MET E 38 6.05 -11.45 38.47
C MET E 38 5.80 -10.51 39.66
N ALA E 39 6.76 -10.41 40.58
CA ALA E 39 6.62 -9.51 41.71
C ALA E 39 6.66 -8.05 41.28
N TYR E 40 7.54 -7.71 40.34
CA TYR E 40 7.55 -6.33 39.83
C TYR E 40 6.30 -6.04 39.01
N CYS E 41 5.78 -7.04 38.30
CA CYS E 41 4.55 -6.85 37.54
C CYS E 41 3.34 -6.64 38.46
N GLU E 42 3.27 -7.40 39.56
CA GLU E 42 2.17 -7.26 40.49
C GLU E 42 2.28 -6.00 41.36
N ALA E 43 3.49 -5.54 41.64
CA ALA E 43 3.66 -4.39 42.52
C ALA E 43 3.33 -3.06 41.84
N HIS E 44 3.15 -3.04 40.51
CA HIS E 44 2.87 -1.80 39.79
C HIS E 44 1.64 -1.94 38.90
N ALA E 45 0.76 -2.90 39.16
CA ALA E 45 -0.42 -3.08 38.34
C ALA E 45 -1.47 -2.02 38.59
N LYS E 46 -1.47 -1.39 39.76
CA LYS E 46 -2.50 -0.41 40.10
C LYS E 46 -2.31 0.91 39.37
N GLU E 47 -1.07 1.27 39.04
CA GLU E 47 -0.78 2.55 38.39
C GLU E 47 -0.56 2.40 36.89
N ASP E 48 -0.98 1.29 36.30
CA ASP E 48 -0.89 1.10 34.85
C ASP E 48 -2.24 1.42 34.24
N PRO E 49 -2.37 2.52 33.48
CA PRO E 49 -3.69 2.89 32.94
C PRO E 49 -4.14 2.01 31.78
N LEU E 50 -3.24 1.24 31.18
CA LEU E 50 -3.61 0.40 30.04
C LEU E 50 -4.22 -0.91 30.49
N GLN F 1 19.56 -20.79 18.45
CA GLN F 1 20.75 -20.71 17.60
C GLN F 1 20.66 -21.69 16.44
N VAL F 2 20.55 -21.16 15.22
CA VAL F 2 20.47 -22.00 14.04
C VAL F 2 21.85 -22.57 13.72
N GLN F 3 21.86 -23.71 13.04
CA GLN F 3 23.10 -24.40 12.72
C GLN F 3 22.90 -25.24 11.46
N LEU F 4 23.82 -25.14 10.53
CA LEU F 4 23.85 -25.97 9.32
C LEU F 4 25.22 -26.58 9.21
N GLN F 5 25.28 -27.91 9.13
CA GLN F 5 26.55 -28.63 9.07
C GLN F 5 26.57 -29.49 7.83
N GLU F 6 27.58 -29.29 6.98
CA GLU F 6 27.71 -30.03 5.74
C GLU F 6 28.67 -31.20 5.91
N SER F 7 28.49 -32.20 5.05
CA SER F 7 29.32 -33.40 5.07
C SER F 7 29.41 -33.96 3.65
N GLY F 8 30.63 -34.18 3.18
CA GLY F 8 30.84 -34.72 1.84
C GLY F 8 31.97 -34.02 1.10
N LEU F 18 29.28 -39.48 -5.40
CA LEU F 18 29.46 -38.44 -4.39
C LEU F 18 28.11 -37.84 -4.02
N ARG F 19 27.89 -37.60 -2.73
CA ARG F 19 26.61 -37.10 -2.25
C ARG F 19 26.86 -36.20 -1.06
N LEU F 20 26.49 -34.93 -1.18
CA LEU F 20 26.67 -33.98 -0.10
C LEU F 20 25.42 -33.93 0.77
N SER F 21 25.64 -33.82 2.08
CA SER F 21 24.55 -33.75 3.04
C SER F 21 24.67 -32.49 3.87
N CYS F 22 23.52 -31.95 4.28
CA CYS F 22 23.46 -30.76 5.12
C CYS F 22 22.46 -31.04 6.24
N ALA F 23 22.96 -31.16 7.47
CA ALA F 23 22.12 -31.35 8.63
C ALA F 23 21.76 -29.99 9.23
N ALA F 24 20.48 -29.83 9.59
CA ALA F 24 19.93 -28.58 10.07
C ALA F 24 19.50 -28.71 11.52
N SER F 25 19.71 -27.63 12.29
CA SER F 25 19.29 -27.62 13.68
C SER F 25 18.98 -26.18 14.08
N GLY F 26 18.21 -26.04 15.16
CA GLY F 26 17.87 -24.74 15.70
C GLY F 26 16.68 -24.07 15.06
N PHE F 27 16.08 -24.67 14.04
CA PHE F 27 14.95 -24.07 13.35
C PHE F 27 14.07 -25.18 12.78
N THR F 28 12.80 -24.85 12.56
CA THR F 28 11.88 -25.79 11.91
C THR F 28 12.20 -25.87 10.42
N PHE F 29 12.18 -27.09 9.88
CA PHE F 29 12.76 -27.34 8.57
C PHE F 29 11.74 -27.28 7.44
N SER F 30 10.46 -27.51 7.73
CA SER F 30 9.45 -27.66 6.69
C SER F 30 8.91 -26.34 6.16
N ASN F 31 9.38 -25.20 6.67
CA ASN F 31 8.84 -23.89 6.28
C ASN F 31 9.88 -22.99 5.63
N TYR F 32 11.01 -23.52 5.17
CA TYR F 32 12.04 -22.72 4.53
C TYR F 32 12.48 -23.38 3.24
N LYS F 33 12.83 -22.54 2.26
CA LYS F 33 13.37 -23.00 0.99
C LYS F 33 14.89 -23.18 1.12
N MET F 34 15.38 -24.31 0.63
CA MET F 34 16.77 -24.69 0.84
C MET F 34 17.55 -24.64 -0.46
N ASN F 35 18.76 -24.06 -0.39
CA ASN F 35 19.56 -23.81 -1.58
C ASN F 35 20.95 -24.44 -1.43
N TRP F 36 21.56 -24.77 -2.56
CA TRP F 36 22.94 -25.21 -2.64
C TRP F 36 23.72 -24.17 -3.42
N VAL F 37 24.86 -23.74 -2.88
CA VAL F 37 25.68 -22.66 -3.44
C VAL F 37 27.14 -23.11 -3.40
N ARG F 38 27.83 -23.02 -4.54
CA ARG F 38 29.26 -23.30 -4.54
C ARG F 38 30.07 -22.02 -4.44
N GLN F 39 31.36 -22.19 -4.20
CA GLN F 39 32.35 -21.12 -4.28
C GLN F 39 33.62 -21.73 -4.87
N ALA F 40 33.96 -21.31 -6.09
CA ALA F 40 35.15 -21.83 -6.75
C ALA F 40 36.40 -21.20 -6.16
N PRO F 41 37.54 -21.89 -6.24
CA PRO F 41 38.82 -21.27 -5.83
C PRO F 41 39.21 -20.17 -6.80
N GLY F 42 39.35 -18.95 -6.26
CA GLY F 42 39.69 -17.79 -7.06
C GLY F 42 38.50 -17.05 -7.64
N LYS F 43 37.30 -17.59 -7.49
CA LYS F 43 36.08 -16.95 -7.98
C LYS F 43 35.14 -16.66 -6.81
N GLY F 44 34.06 -15.96 -7.10
CA GLY F 44 33.09 -15.60 -6.10
C GLY F 44 32.05 -16.69 -5.87
N LEU F 45 31.13 -16.39 -4.95
CA LEU F 45 30.06 -17.33 -4.64
C LEU F 45 29.03 -17.37 -5.76
N GLU F 46 28.65 -18.59 -6.15
CA GLU F 46 27.73 -18.80 -7.26
C GLU F 46 26.60 -19.72 -6.83
N TRP F 47 25.37 -19.31 -7.15
CA TRP F 47 24.21 -20.13 -6.85
C TRP F 47 24.19 -21.36 -7.75
N VAL F 48 23.79 -22.50 -7.18
CA VAL F 48 23.79 -23.78 -7.90
C VAL F 48 22.38 -24.33 -8.04
N SER F 49 21.67 -24.50 -6.92
CA SER F 49 20.38 -25.16 -6.99
C SER F 49 19.47 -24.69 -5.87
N ASP F 50 18.17 -24.86 -6.06
CA ASP F 50 17.21 -24.51 -5.03
C ASP F 50 16.03 -25.48 -5.03
N ILE F 51 15.46 -25.70 -3.85
CA ILE F 51 14.27 -26.50 -3.66
C ILE F 51 13.36 -25.78 -2.67
N SER F 52 12.04 -25.90 -2.88
CA SER F 52 11.05 -25.14 -2.12
C SER F 52 10.76 -25.83 -0.80
N GLN F 53 9.69 -25.37 -0.12
CA GLN F 53 9.37 -25.88 1.22
C GLN F 53 8.84 -27.31 1.16
N SER F 54 7.94 -27.59 0.24
CA SER F 54 7.35 -28.93 0.11
C SER F 54 8.10 -29.80 -0.89
N GLY F 55 9.18 -29.29 -1.49
CA GLY F 55 9.90 -30.06 -2.49
C GLY F 55 9.22 -30.12 -3.84
N ALA F 56 8.44 -29.10 -4.19
CA ALA F 56 7.72 -29.09 -5.47
C ALA F 56 8.53 -28.39 -6.56
N SER F 57 8.92 -27.14 -6.33
CA SER F 57 9.65 -26.35 -7.30
C SER F 57 11.15 -26.56 -7.12
N ILE F 58 11.80 -27.14 -8.12
CA ILE F 58 13.21 -27.47 -8.09
C ILE F 58 13.89 -26.77 -9.25
N SER F 59 14.97 -26.04 -8.96
CA SER F 59 15.66 -25.30 -10.01
C SER F 59 17.17 -25.54 -9.93
N TYR F 60 17.80 -25.59 -11.10
CA TYR F 60 19.24 -25.78 -11.22
C TYR F 60 19.82 -24.71 -12.13
N THR F 61 21.12 -24.45 -11.96
CA THR F 61 21.88 -23.70 -12.94
C THR F 61 22.04 -24.54 -14.21
N GLY F 62 22.11 -23.86 -15.35
CA GLY F 62 22.21 -24.54 -16.63
C GLY F 62 23.52 -25.30 -16.85
N SER F 63 24.55 -24.99 -16.07
CA SER F 63 25.79 -25.74 -16.14
C SER F 63 25.66 -27.14 -15.55
N VAL F 64 24.74 -27.35 -14.61
CA VAL F 64 24.54 -28.63 -13.95
C VAL F 64 23.13 -29.16 -14.17
N LYS F 65 22.42 -28.64 -15.17
CA LYS F 65 21.07 -29.09 -15.46
C LYS F 65 21.12 -30.47 -16.10
N GLY F 66 20.37 -31.42 -15.52
CA GLY F 66 20.39 -32.80 -15.97
C GLY F 66 21.48 -33.64 -15.36
N ARG F 67 22.32 -33.07 -14.51
CA ARG F 67 23.41 -33.80 -13.87
C ARG F 67 23.33 -33.85 -12.35
N PHE F 68 22.65 -32.89 -11.73
CA PHE F 68 22.55 -32.82 -10.28
C PHE F 68 21.12 -33.12 -9.84
N THR F 69 20.98 -33.59 -8.60
CA THR F 69 19.66 -33.77 -7.99
C THR F 69 19.71 -33.21 -6.58
N ILE F 70 18.65 -32.51 -6.17
CA ILE F 70 18.56 -31.94 -4.84
C ILE F 70 17.29 -32.47 -4.18
N SER F 71 17.41 -32.96 -2.96
CA SER F 71 16.28 -33.52 -2.24
C SER F 71 16.33 -33.06 -0.79
N ARG F 72 15.20 -33.15 -0.12
CA ARG F 72 15.10 -32.80 1.30
C ARG F 72 14.35 -33.90 2.03
N ASP F 73 14.69 -34.07 3.30
CA ASP F 73 14.03 -35.01 4.19
C ASP F 73 13.57 -34.23 5.42
N ASN F 74 12.28 -33.91 5.47
CA ASN F 74 11.73 -33.20 6.62
C ASN F 74 11.58 -34.10 7.83
N ALA F 75 11.49 -35.42 7.63
CA ALA F 75 11.48 -36.35 8.76
C ALA F 75 12.83 -36.38 9.44
N LYS F 76 13.91 -36.38 8.67
CA LYS F 76 15.27 -36.32 9.22
C LYS F 76 15.81 -34.89 9.26
N ASN F 77 15.10 -33.94 8.66
CA ASN F 77 15.47 -32.51 8.61
C ASN F 77 16.86 -32.30 8.02
N THR F 78 17.07 -32.83 6.81
CA THR F 78 18.36 -32.76 6.16
C THR F 78 18.18 -32.48 4.68
N LEU F 79 19.24 -31.97 4.05
CA LEU F 79 19.23 -31.59 2.65
C LEU F 79 20.32 -32.36 1.91
N TYR F 80 19.94 -33.14 0.90
CA TYR F 80 20.87 -33.94 0.13
C TYR F 80 21.08 -33.33 -1.26
N LEU F 81 22.32 -33.37 -1.73
CA LEU F 81 22.66 -33.10 -3.12
C LEU F 81 23.33 -34.36 -3.66
N GLN F 82 22.64 -35.06 -4.56
CA GLN F 82 23.17 -36.22 -5.26
C GLN F 82 23.81 -35.71 -6.55
N MET F 83 25.13 -35.84 -6.65
CA MET F 83 25.89 -35.33 -7.78
C MET F 83 26.66 -36.50 -8.42
N ASN F 84 26.59 -36.59 -9.74
CA ASN F 84 27.28 -37.64 -10.48
C ASN F 84 27.64 -37.12 -11.87
N SER F 85 28.54 -37.88 -12.53
CA SER F 85 29.16 -37.52 -13.80
C SER F 85 29.84 -36.15 -13.70
N LEU F 86 30.76 -36.04 -12.75
CA LEU F 86 31.36 -34.78 -12.38
C LEU F 86 32.40 -34.33 -13.40
N LYS F 87 32.79 -33.06 -13.28
CA LYS F 87 33.71 -32.39 -14.17
C LYS F 87 34.82 -31.76 -13.32
N PRO F 88 36.00 -31.54 -13.90
CA PRO F 88 37.08 -30.87 -13.13
C PRO F 88 36.78 -29.43 -12.74
N GLU F 89 35.81 -28.78 -13.38
CA GLU F 89 35.38 -27.44 -12.99
C GLU F 89 34.46 -27.43 -11.79
N ASP F 90 34.04 -28.61 -11.31
CA ASP F 90 33.13 -28.70 -10.17
C ASP F 90 33.86 -28.70 -8.83
N THR F 91 35.18 -28.57 -8.83
CA THR F 91 35.95 -28.52 -7.58
C THR F 91 35.71 -27.17 -6.91
N ALA F 92 34.98 -27.19 -5.80
CA ALA F 92 34.56 -25.95 -5.15
C ALA F 92 34.22 -26.24 -3.69
N VAL F 93 33.96 -25.18 -2.94
CA VAL F 93 33.50 -25.29 -1.56
C VAL F 93 32.00 -25.10 -1.57
N TYR F 94 31.26 -26.08 -1.06
CA TYR F 94 29.80 -26.12 -1.17
C TYR F 94 29.16 -25.76 0.16
N TYR F 95 28.10 -24.95 0.10
CA TYR F 95 27.35 -24.50 1.26
C TYR F 95 25.87 -24.75 1.02
N CYS F 96 25.15 -25.08 2.10
CA CYS F 96 23.69 -25.11 2.09
C CYS F 96 23.18 -23.81 2.71
N ALA F 97 22.25 -23.16 2.03
CA ALA F 97 21.78 -21.85 2.41
C ALA F 97 20.28 -21.85 2.66
N ARG F 98 19.85 -21.02 3.61
CA ARG F 98 18.46 -20.84 3.96
C ARG F 98 18.14 -19.36 3.92
N CYS F 99 17.04 -18.99 3.23
CA CYS F 99 16.69 -17.58 3.28
C CYS F 99 15.73 -17.30 4.43
N PRO F 100 15.81 -16.11 5.06
CA PRO F 100 15.31 -15.99 6.44
C PRO F 100 13.79 -15.98 6.58
N ALA F 101 13.07 -15.51 5.58
CA ALA F 101 11.62 -15.38 5.74
C ALA F 101 10.95 -16.74 5.52
N PRO F 102 10.20 -17.25 6.50
CA PRO F 102 9.42 -18.47 6.27
C PRO F 102 8.18 -18.18 5.44
N PHE F 103 7.65 -19.25 4.84
CA PHE F 103 6.47 -19.23 3.98
C PHE F 103 6.61 -18.24 2.82
N THR F 104 7.79 -18.20 2.23
CA THR F 104 8.08 -17.26 1.14
C THR F 104 8.59 -17.99 -0.09
N CYS F 107 13.54 -13.71 -0.15
CA CYS F 107 14.55 -14.75 -0.34
C CYS F 107 15.69 -14.20 -1.19
N PHE F 108 16.38 -13.19 -0.65
CA PHE F 108 17.33 -12.39 -1.41
C PHE F 108 18.78 -12.88 -1.28
N ASP F 109 19.32 -12.84 -0.06
CA ASP F 109 20.76 -12.73 0.16
C ASP F 109 21.42 -14.06 0.50
N VAL F 110 20.98 -15.17 -0.10
CA VAL F 110 21.62 -16.45 0.19
C VAL F 110 23.01 -16.54 -0.42
N THR F 111 23.23 -15.92 -1.57
CA THR F 111 24.55 -15.86 -2.19
C THR F 111 25.19 -14.51 -1.88
N SER F 112 25.66 -14.39 -0.63
CA SER F 112 26.22 -13.15 -0.12
C SER F 112 27.55 -13.43 0.54
N THR F 113 28.36 -12.36 0.67
CA THR F 113 29.72 -12.50 1.17
C THR F 113 29.75 -12.90 2.64
N THR F 114 28.93 -12.26 3.47
CA THR F 114 28.84 -12.55 4.90
C THR F 114 27.38 -12.87 5.22
N TYR F 115 27.01 -14.14 5.15
CA TYR F 115 25.65 -14.58 5.40
C TYR F 115 25.62 -15.46 6.64
N ALA F 116 24.67 -15.17 7.53
CA ALA F 116 24.62 -15.84 8.83
C ALA F 116 23.85 -17.14 8.82
N TYR F 117 23.00 -17.38 7.82
CA TYR F 117 22.14 -18.56 7.78
C TYR F 117 22.64 -19.61 6.78
N ARG F 118 23.95 -19.79 6.68
CA ARG F 118 24.50 -20.88 5.89
C ARG F 118 25.68 -21.48 6.64
N GLY F 119 26.01 -22.72 6.29
CA GLY F 119 27.02 -23.49 7.00
C GLY F 119 28.43 -23.13 6.56
N GLN F 120 29.39 -23.90 7.09
CA GLN F 120 30.79 -23.71 6.79
C GLN F 120 31.22 -24.36 5.48
N GLY F 121 30.42 -25.26 4.92
CA GLY F 121 30.69 -25.84 3.62
C GLY F 121 31.72 -26.95 3.66
N THR F 122 31.77 -27.70 2.56
CA THR F 122 32.73 -28.78 2.38
C THR F 122 33.47 -28.63 1.07
N GLN F 123 34.74 -29.02 1.08
CA GLN F 123 35.57 -28.95 -0.13
C GLN F 123 35.31 -30.18 -1.01
N VAL F 124 35.13 -29.95 -2.30
CA VAL F 124 34.94 -31.02 -3.27
C VAL F 124 36.00 -30.83 -4.35
N THR F 125 36.84 -31.85 -4.55
CA THR F 125 37.89 -31.82 -5.56
C THR F 125 37.69 -32.97 -6.53
N VAL F 126 37.64 -32.65 -7.82
CA VAL F 126 37.44 -33.65 -8.86
C VAL F 126 38.72 -33.88 -9.64
#